data_6SMY
#
_entry.id   6SMY
#
_cell.length_a   70.121
_cell.length_b   113.168
_cell.length_c   132.393
_cell.angle_alpha   90.000
_cell.angle_beta   90.000
_cell.angle_gamma   90.000
#
_symmetry.space_group_name_H-M   'P 21 21 21'
#
loop_
_entity.id
_entity.type
_entity.pdbx_description
1 polymer '3-sulfolactaldehyde reductase'
2 non-polymer '(2~{S})-2,3-bis(oxidanyl)propane-1-sulfonic acid'
3 non-polymer NICOTINAMIDE-ADENINE-DINUCLEOTIDE
4 water water
#
_entity_poly.entity_id   1
_entity_poly.type   'polypeptide(L)'
_entity_poly.pdbx_seq_one_letter_code
;MAAIAFIGLGQMGSPMASNLLQQGHQLRVFDVNAEAVRHLVDKGATPAANPAQAAKDAEFIITMLPNGDLVRNVLFGENG
VCEGLSTDALVIDMSTIHPLQTDKLIADMQAKGFSMMDVPVGRTSANAITGTLLLLAGGTAEQVERATPILMAMGSELIN
AGGPGMGIRVKLINNYMSIALNALSAEAAVLCEALNLPFDVAVKVMSGTAAGKGHFTTSWPNKVLSGDLSPAFMIDLAHK
DLGIALDVANQLHVPMPLGAASREVYSQARAAGRGRQDWSAILEQVRVSAGMTAKVKMLEHHHHHH
;
_entity_poly.pdbx_strand_id   A,B,C,D
#
# COMPACT_ATOMS: atom_id res chain seq x y z
N ALA A 2 1.30 -49.71 -4.50
CA ALA A 2 0.35 -49.42 -5.61
C ALA A 2 1.10 -48.78 -6.79
N ALA A 3 0.44 -48.74 -7.95
CA ALA A 3 0.96 -48.18 -9.21
C ALA A 3 0.67 -46.67 -9.24
N ILE A 4 1.72 -45.84 -9.18
CA ILE A 4 1.61 -44.36 -9.09
C ILE A 4 2.32 -43.72 -10.29
N ALA A 5 1.67 -42.74 -10.92
CA ALA A 5 2.30 -41.78 -11.84
C ALA A 5 2.65 -40.53 -11.05
N PHE A 6 3.89 -40.05 -11.14
CA PHE A 6 4.35 -38.79 -10.51
C PHE A 6 4.91 -37.85 -11.59
N ILE A 7 4.23 -36.74 -11.83
CA ILE A 7 4.62 -35.71 -12.84
C ILE A 7 5.00 -34.44 -12.09
N GLY A 8 6.27 -34.04 -12.21
CA GLY A 8 6.86 -32.88 -11.52
C GLY A 8 7.82 -33.35 -10.45
N LEU A 9 9.11 -33.40 -10.79
CA LEU A 9 10.20 -33.92 -9.92
C LEU A 9 11.09 -32.75 -9.48
N GLY A 10 10.48 -31.62 -9.08
CA GLY A 10 11.14 -30.38 -8.66
C GLY A 10 11.66 -30.47 -7.23
N GLN A 11 11.85 -29.31 -6.57
CA GLN A 11 12.43 -29.19 -5.21
C GLN A 11 11.58 -30.01 -4.21
N MET A 12 10.26 -30.03 -4.45
CA MET A 12 9.24 -30.74 -3.64
C MET A 12 8.95 -32.11 -4.27
N GLY A 13 8.63 -32.13 -5.58
CA GLY A 13 8.25 -33.35 -6.31
C GLY A 13 9.25 -34.47 -6.09
N SER A 14 10.54 -34.19 -6.28
CA SER A 14 11.62 -35.22 -6.33
C SER A 14 11.66 -36.01 -5.02
N PRO A 15 11.88 -35.38 -3.84
CA PRO A 15 11.91 -36.13 -2.59
C PRO A 15 10.56 -36.76 -2.17
N MET A 16 9.43 -36.17 -2.59
CA MET A 16 8.09 -36.73 -2.31
C MET A 16 7.98 -38.08 -3.02
N ALA A 17 8.27 -38.10 -4.32
CA ALA A 17 8.29 -39.32 -5.17
C ALA A 17 9.28 -40.32 -4.57
N SER A 18 10.44 -39.85 -4.11
CA SER A 18 11.50 -40.67 -3.48
C SER A 18 10.94 -41.39 -2.24
N ASN A 19 10.13 -40.70 -1.44
CA ASN A 19 9.54 -41.28 -0.20
C ASN A 19 8.48 -42.32 -0.60
N LEU A 20 7.73 -42.10 -1.69
CA LEU A 20 6.74 -43.09 -2.20
C LEU A 20 7.45 -44.40 -2.59
N LEU A 21 8.57 -44.33 -3.32
CA LEU A 21 9.40 -45.50 -3.74
C LEU A 21 9.95 -46.23 -2.51
N GLN A 22 10.48 -45.46 -1.54
CA GLN A 22 11.03 -45.96 -0.25
C GLN A 22 9.96 -46.78 0.48
N GLN A 23 8.67 -46.44 0.31
CA GLN A 23 7.50 -47.14 0.90
C GLN A 23 6.99 -48.23 -0.06
N GLY A 24 7.78 -48.61 -1.07
CA GLY A 24 7.58 -49.83 -1.88
C GLY A 24 6.48 -49.70 -2.92
N HIS A 25 6.09 -48.47 -3.27
CA HIS A 25 5.18 -48.17 -4.40
C HIS A 25 5.98 -48.25 -5.72
N GLN A 26 5.27 -48.55 -6.82
CA GLN A 26 5.80 -48.62 -8.21
C GLN A 26 5.52 -47.28 -8.90
N LEU A 27 6.56 -46.50 -9.24
CA LEU A 27 6.39 -45.15 -9.81
C LEU A 27 6.77 -45.11 -11.30
N ARG A 28 5.87 -44.58 -12.14
CA ARG A 28 6.17 -43.99 -13.47
C ARG A 28 6.38 -42.48 -13.27
N VAL A 29 7.58 -41.96 -13.52
CA VAL A 29 7.90 -40.51 -13.27
C VAL A 29 8.10 -39.78 -14.61
N PHE A 30 7.60 -38.54 -14.71
CA PHE A 30 7.92 -37.58 -15.79
C PHE A 30 8.22 -36.19 -15.22
N ASP A 31 9.14 -35.48 -15.89
CA ASP A 31 9.49 -34.04 -15.70
C ASP A 31 10.30 -33.60 -16.92
N VAL A 32 10.24 -32.33 -17.31
CA VAL A 32 10.89 -31.82 -18.54
C VAL A 32 12.43 -31.89 -18.37
N ASN A 33 12.93 -31.83 -17.14
CA ASN A 33 14.37 -31.97 -16.78
C ASN A 33 14.71 -33.45 -16.61
N ALA A 34 15.52 -33.99 -17.54
CA ALA A 34 15.91 -35.43 -17.61
C ALA A 34 16.77 -35.82 -16.41
N GLU A 35 17.49 -34.88 -15.78
CA GLU A 35 18.35 -35.14 -14.60
C GLU A 35 17.44 -35.51 -13.42
N ALA A 36 16.31 -34.82 -13.27
CA ALA A 36 15.29 -35.07 -12.22
C ALA A 36 14.71 -36.48 -12.43
N VAL A 37 14.35 -36.81 -13.67
CA VAL A 37 13.87 -38.17 -14.04
C VAL A 37 14.94 -39.18 -13.60
N ARG A 38 16.21 -38.93 -13.92
CA ARG A 38 17.36 -39.85 -13.67
C ARG A 38 17.51 -40.13 -12.16
N HIS A 39 17.35 -39.11 -11.30
CA HIS A 39 17.51 -39.27 -9.82
C HIS A 39 16.46 -40.26 -9.27
N LEU A 40 15.23 -40.23 -9.79
CA LEU A 40 14.13 -41.10 -9.31
C LEU A 40 14.27 -42.50 -9.92
N VAL A 41 14.80 -42.62 -11.14
CA VAL A 41 15.04 -43.94 -11.81
C VAL A 41 16.09 -44.70 -11.02
N ASP A 42 17.14 -44.02 -10.55
CA ASP A 42 18.19 -44.61 -9.67
C ASP A 42 17.53 -45.27 -8.46
N LYS A 43 16.43 -44.67 -7.96
CA LYS A 43 15.76 -45.04 -6.70
C LYS A 43 14.60 -46.01 -6.98
N GLY A 44 14.43 -46.47 -8.23
CA GLY A 44 13.56 -47.59 -8.60
C GLY A 44 12.42 -47.18 -9.52
N ALA A 45 12.20 -45.89 -9.76
CA ALA A 45 11.14 -45.39 -10.65
C ALA A 45 11.40 -45.86 -12.09
N THR A 46 10.33 -46.24 -12.81
CA THR A 46 10.27 -46.38 -14.29
C THR A 46 10.13 -44.98 -14.91
N PRO A 47 11.03 -44.53 -15.82
CA PRO A 47 10.85 -43.24 -16.49
C PRO A 47 9.76 -43.35 -17.57
N ALA A 48 9.05 -42.26 -17.84
CA ALA A 48 8.05 -42.09 -18.92
C ALA A 48 8.43 -40.89 -19.78
N ALA A 49 8.19 -40.97 -21.09
CA ALA A 49 8.54 -39.93 -22.09
C ALA A 49 7.59 -38.72 -21.96
N ASN A 50 6.41 -38.89 -21.35
CA ASN A 50 5.41 -37.80 -21.22
C ASN A 50 4.32 -38.19 -20.22
N PRO A 51 3.44 -37.26 -19.81
CA PRO A 51 2.35 -37.54 -18.87
C PRO A 51 1.46 -38.74 -19.22
N ALA A 52 1.06 -38.86 -20.50
CA ALA A 52 0.24 -39.97 -21.00
C ALA A 52 0.85 -41.31 -20.58
N GLN A 53 2.12 -41.52 -20.95
CA GLN A 53 2.87 -42.79 -20.69
C GLN A 53 2.92 -42.98 -19.17
N ALA A 54 3.23 -41.92 -18.43
CA ALA A 54 3.31 -41.97 -16.95
C ALA A 54 1.99 -42.51 -16.38
N ALA A 55 0.85 -42.08 -16.94
CA ALA A 55 -0.52 -42.35 -16.44
C ALA A 55 -1.01 -43.77 -16.79
N LYS A 56 -0.49 -44.38 -17.88
CA LYS A 56 -0.92 -45.72 -18.38
C LYS A 56 -0.92 -46.71 -17.21
N ASP A 57 -2.12 -47.20 -16.84
CA ASP A 57 -2.32 -48.31 -15.88
C ASP A 57 -1.81 -47.91 -14.48
N ALA A 58 -1.87 -46.63 -14.12
CA ALA A 58 -1.62 -46.12 -12.75
C ALA A 58 -2.95 -46.02 -11.98
N GLU A 59 -2.96 -46.42 -10.71
CA GLU A 59 -4.13 -46.27 -9.79
C GLU A 59 -4.18 -44.83 -9.27
N PHE A 60 -3.02 -44.22 -9.04
CA PHE A 60 -2.83 -42.85 -8.50
C PHE A 60 -1.94 -42.03 -9.45
N ILE A 61 -2.42 -40.87 -9.88
CA ILE A 61 -1.67 -39.86 -10.67
C ILE A 61 -1.40 -38.67 -9.74
N ILE A 62 -0.15 -38.34 -9.48
CA ILE A 62 0.25 -37.17 -8.66
C ILE A 62 0.91 -36.14 -9.58
N THR A 63 0.45 -34.90 -9.53
CA THR A 63 1.11 -33.74 -10.17
C THR A 63 1.64 -32.81 -9.08
N MET A 64 2.87 -32.33 -9.25
CA MET A 64 3.52 -31.30 -8.39
C MET A 64 4.23 -30.30 -9.30
N LEU A 65 3.51 -29.28 -9.76
CA LEU A 65 3.97 -28.31 -10.80
C LEU A 65 3.82 -26.88 -10.32
N PRO A 66 4.56 -25.93 -10.95
CA PRO A 66 4.64 -24.54 -10.47
C PRO A 66 3.37 -23.67 -10.61
N ASN A 67 2.48 -23.96 -11.55
CA ASN A 67 1.25 -23.15 -11.76
C ASN A 67 0.14 -23.96 -12.44
N GLY A 68 -1.09 -23.44 -12.39
CA GLY A 68 -2.32 -24.14 -12.85
C GLY A 68 -2.40 -24.30 -14.36
N ASP A 69 -1.64 -23.52 -15.13
CA ASP A 69 -1.59 -23.62 -16.62
C ASP A 69 -0.79 -24.89 -16.99
N LEU A 70 0.39 -25.06 -16.38
CA LEU A 70 1.28 -26.24 -16.57
C LEU A 70 0.58 -27.50 -16.07
N VAL A 71 -0.24 -27.39 -15.03
CA VAL A 71 -1.06 -28.54 -14.54
C VAL A 71 -2.05 -28.93 -15.65
N ARG A 72 -2.75 -27.95 -16.23
CA ARG A 72 -3.77 -28.17 -17.31
C ARG A 72 -3.06 -28.79 -18.52
N ASN A 73 -1.94 -28.22 -18.94
CA ASN A 73 -1.17 -28.67 -20.14
C ASN A 73 -0.57 -30.07 -19.91
N VAL A 74 -0.42 -30.51 -18.66
CA VAL A 74 0.11 -31.85 -18.29
C VAL A 74 -1.07 -32.84 -18.22
N LEU A 75 -2.27 -32.36 -17.92
CA LEU A 75 -3.49 -33.23 -17.81
C LEU A 75 -4.21 -33.31 -19.16
N PHE A 76 -4.36 -32.19 -19.89
CA PHE A 76 -5.26 -32.06 -21.06
C PHE A 76 -4.51 -31.77 -22.37
N GLY A 77 -3.17 -31.57 -22.32
CA GLY A 77 -2.38 -31.13 -23.49
C GLY A 77 -1.94 -32.28 -24.38
N GLU A 78 -1.16 -31.97 -25.43
CA GLU A 78 -0.51 -32.94 -26.35
C GLU A 78 0.26 -33.97 -25.51
N ASN A 79 -0.12 -35.25 -25.61
CA ASN A 79 0.42 -36.37 -24.80
C ASN A 79 0.14 -36.09 -23.32
N GLY A 80 -1.12 -35.82 -22.99
CA GLY A 80 -1.60 -35.47 -21.65
C GLY A 80 -1.96 -36.70 -20.84
N VAL A 81 -2.20 -36.54 -19.53
CA VAL A 81 -2.58 -37.60 -18.56
C VAL A 81 -3.91 -38.22 -18.98
N CYS A 82 -4.85 -37.40 -19.45
CA CYS A 82 -6.21 -37.80 -19.91
C CYS A 82 -6.10 -38.91 -20.95
N GLU A 83 -5.10 -38.84 -21.85
CA GLU A 83 -4.88 -39.79 -22.97
C GLU A 83 -4.53 -41.19 -22.42
N GLY A 84 -3.94 -41.27 -21.22
CA GLY A 84 -3.48 -42.55 -20.63
C GLY A 84 -4.18 -42.92 -19.33
N LEU A 85 -5.17 -42.13 -18.89
CA LEU A 85 -5.85 -42.30 -17.57
C LEU A 85 -7.00 -43.30 -17.72
N SER A 86 -7.19 -44.17 -16.70
CA SER A 86 -8.35 -45.08 -16.55
C SER A 86 -9.39 -44.42 -15.65
N THR A 87 -10.68 -44.74 -15.86
CA THR A 87 -11.82 -44.19 -15.09
C THR A 87 -11.78 -44.69 -13.64
N ASP A 88 -10.90 -45.64 -13.31
CA ASP A 88 -10.76 -46.25 -11.96
C ASP A 88 -9.69 -45.52 -11.12
N ALA A 89 -8.84 -44.72 -11.75
CA ALA A 89 -7.67 -44.09 -11.09
C ALA A 89 -8.10 -42.85 -10.29
N LEU A 90 -7.21 -42.36 -9.44
CA LEU A 90 -7.39 -41.15 -8.61
C LEU A 90 -6.23 -40.17 -8.88
N VAL A 91 -6.55 -38.99 -9.42
CA VAL A 91 -5.59 -37.87 -9.66
C VAL A 91 -5.48 -37.04 -8.37
N ILE A 92 -4.27 -36.84 -7.87
CA ILE A 92 -3.94 -35.97 -6.72
C ILE A 92 -3.03 -34.83 -7.22
N ASP A 93 -3.58 -33.63 -7.42
CA ASP A 93 -2.78 -32.38 -7.63
C ASP A 93 -2.35 -31.87 -6.25
N MET A 94 -1.04 -31.89 -6.00
CA MET A 94 -0.42 -31.41 -4.73
C MET A 94 0.22 -30.04 -4.99
N SER A 95 -0.05 -29.43 -6.15
CA SER A 95 0.51 -28.11 -6.58
C SER A 95 -0.15 -26.97 -5.81
N THR A 96 0.56 -25.85 -5.66
CA THR A 96 -0.03 -24.56 -5.22
C THR A 96 -0.44 -23.78 -6.47
N ILE A 97 -1.72 -23.78 -6.79
CA ILE A 97 -2.29 -23.05 -7.96
C ILE A 97 -3.52 -22.30 -7.50
N HIS A 98 -4.16 -21.57 -8.41
CA HIS A 98 -5.38 -20.76 -8.18
C HIS A 98 -6.49 -21.73 -7.77
N PRO A 99 -7.18 -21.51 -6.62
CA PRO A 99 -8.25 -22.40 -6.18
C PRO A 99 -9.33 -22.62 -7.25
N LEU A 100 -9.74 -21.55 -7.94
CA LEU A 100 -10.76 -21.63 -9.01
C LEU A 100 -10.21 -22.48 -10.16
N GLN A 101 -8.89 -22.47 -10.41
CA GLN A 101 -8.28 -23.35 -11.45
C GLN A 101 -8.41 -24.81 -11.00
N THR A 102 -8.21 -25.10 -9.71
CA THR A 102 -8.39 -26.44 -9.09
C THR A 102 -9.85 -26.90 -9.24
N ASP A 103 -10.83 -26.07 -8.82
CA ASP A 103 -12.29 -26.35 -8.98
C ASP A 103 -12.63 -26.75 -10.42
N LYS A 104 -12.11 -26.00 -11.42
CA LYS A 104 -12.39 -26.23 -12.85
C LYS A 104 -11.75 -27.56 -13.27
N LEU A 105 -10.54 -27.86 -12.80
CA LEU A 105 -9.80 -29.11 -13.15
C LEU A 105 -10.51 -30.31 -12.54
N ILE A 106 -11.00 -30.21 -11.30
CA ILE A 106 -11.72 -31.30 -10.60
C ILE A 106 -13.03 -31.61 -11.32
N ALA A 107 -13.68 -30.59 -11.87
CA ALA A 107 -14.97 -30.67 -12.58
C ALA A 107 -14.74 -31.23 -13.99
N ASP A 108 -13.71 -30.75 -14.69
CA ASP A 108 -13.36 -31.16 -16.08
C ASP A 108 -12.85 -32.61 -16.10
N MET A 109 -12.35 -33.11 -14.95
CA MET A 109 -11.95 -34.53 -14.77
C MET A 109 -13.17 -35.36 -14.31
N GLN A 110 -14.07 -34.78 -13.50
CA GLN A 110 -15.35 -35.41 -13.09
C GLN A 110 -16.29 -35.53 -14.30
N ALA A 111 -16.14 -34.64 -15.29
CA ALA A 111 -16.94 -34.60 -16.55
C ALA A 111 -16.58 -35.79 -17.44
N LYS A 112 -15.33 -36.25 -17.39
CA LYS A 112 -14.81 -37.33 -18.28
C LYS A 112 -14.74 -38.67 -17.51
N GLY A 113 -15.37 -38.77 -16.34
CA GLY A 113 -15.46 -40.03 -15.56
C GLY A 113 -14.29 -40.25 -14.61
N PHE A 114 -13.31 -39.33 -14.60
CA PHE A 114 -12.08 -39.40 -13.77
C PHE A 114 -12.35 -38.77 -12.40
N SER A 115 -11.60 -39.20 -11.37
CA SER A 115 -11.61 -38.67 -9.98
C SER A 115 -10.35 -37.81 -9.74
N MET A 116 -10.50 -36.57 -9.28
CA MET A 116 -9.39 -35.65 -8.96
C MET A 116 -9.60 -34.98 -7.60
N MET A 117 -8.56 -34.95 -6.79
CA MET A 117 -8.54 -34.31 -5.45
C MET A 117 -7.30 -33.42 -5.35
N ASP A 118 -7.43 -32.37 -4.53
CA ASP A 118 -6.40 -31.34 -4.28
C ASP A 118 -5.76 -31.65 -2.92
N VAL A 119 -4.47 -31.97 -2.92
CA VAL A 119 -3.71 -32.22 -1.66
C VAL A 119 -2.40 -31.44 -1.76
N PRO A 120 -2.45 -30.09 -1.66
CA PRO A 120 -1.23 -29.29 -1.52
C PRO A 120 -0.60 -29.56 -0.16
N VAL A 121 0.63 -29.11 0.06
CA VAL A 121 1.41 -29.44 1.27
C VAL A 121 1.88 -28.13 1.94
N GLY A 122 1.93 -28.12 3.27
CA GLY A 122 2.69 -27.13 4.07
C GLY A 122 4.11 -27.62 4.32
N ARG A 123 4.99 -26.70 4.71
CA ARG A 123 6.43 -26.95 5.04
C ARG A 123 7.25 -27.07 3.75
N THR A 124 8.58 -27.09 3.91
CA THR A 124 9.58 -26.84 2.84
C THR A 124 10.18 -28.16 2.36
N SER A 125 11.17 -28.08 1.47
CA SER A 125 11.92 -29.19 0.83
C SER A 125 12.70 -30.01 1.86
N ALA A 126 13.12 -29.42 2.98
CA ALA A 126 13.77 -30.13 4.10
C ALA A 126 12.81 -31.19 4.65
N ASN A 127 11.50 -30.87 4.70
CA ASN A 127 10.44 -31.74 5.25
C ASN A 127 10.00 -32.75 4.19
N ALA A 128 10.06 -32.38 2.91
CA ALA A 128 9.80 -33.30 1.78
C ALA A 128 10.82 -34.43 1.83
N ILE A 129 12.08 -34.10 2.11
CA ILE A 129 13.23 -35.06 2.18
C ILE A 129 12.93 -36.09 3.28
N THR A 130 12.52 -35.63 4.47
CA THR A 130 12.31 -36.47 5.68
C THR A 130 10.88 -37.05 5.72
N GLY A 131 10.04 -36.72 4.74
CA GLY A 131 8.65 -37.20 4.64
C GLY A 131 7.80 -36.67 5.77
N THR A 132 8.06 -35.43 6.22
CA THR A 132 7.38 -34.78 7.37
C THR A 132 6.61 -33.54 6.89
N LEU A 133 6.15 -33.52 5.64
CA LEU A 133 5.29 -32.42 5.10
C LEU A 133 3.97 -32.40 5.87
N LEU A 134 3.33 -31.23 5.92
CA LEU A 134 1.93 -31.07 6.38
C LEU A 134 1.03 -31.31 5.15
N LEU A 135 0.21 -32.36 5.18
CA LEU A 135 -0.66 -32.75 4.04
C LEU A 135 -2.01 -32.07 4.21
N LEU A 136 -2.40 -31.23 3.25
CA LEU A 136 -3.65 -30.42 3.31
C LEU A 136 -4.66 -31.06 2.37
N ALA A 137 -5.38 -32.06 2.89
CA ALA A 137 -6.19 -33.01 2.09
C ALA A 137 -7.55 -32.40 1.75
N GLY A 138 -7.70 -31.93 0.53
CA GLY A 138 -9.04 -31.66 -0.07
C GLY A 138 -9.61 -32.93 -0.65
N GLY A 139 -10.69 -32.82 -1.45
CA GLY A 139 -11.41 -33.95 -2.04
C GLY A 139 -12.44 -34.50 -1.05
N THR A 140 -13.27 -35.45 -1.51
CA THR A 140 -14.36 -36.11 -0.72
C THR A 140 -13.72 -36.95 0.39
N ALA A 141 -14.45 -37.19 1.48
CA ALA A 141 -14.04 -38.07 2.61
C ALA A 141 -13.59 -39.45 2.08
N GLU A 142 -14.27 -39.99 1.06
CA GLU A 142 -13.94 -41.27 0.39
C GLU A 142 -12.57 -41.15 -0.28
N GLN A 143 -12.38 -40.09 -1.08
CA GLN A 143 -11.10 -39.82 -1.79
C GLN A 143 -9.95 -39.69 -0.77
N VAL A 144 -10.20 -39.04 0.36
CA VAL A 144 -9.16 -38.79 1.41
C VAL A 144 -8.81 -40.14 2.05
N GLU A 145 -9.80 -40.97 2.34
CA GLU A 145 -9.57 -42.33 2.92
C GLU A 145 -8.77 -43.14 1.90
N ARG A 146 -9.19 -43.14 0.64
CA ARG A 146 -8.55 -43.92 -0.46
C ARG A 146 -7.07 -43.49 -0.58
N ALA A 147 -6.79 -42.18 -0.51
CA ALA A 147 -5.46 -41.58 -0.83
C ALA A 147 -4.56 -41.56 0.40
N THR A 148 -5.13 -41.59 1.61
CA THR A 148 -4.39 -41.34 2.88
C THR A 148 -3.16 -42.23 2.99
N PRO A 149 -3.26 -43.56 2.73
CA PRO A 149 -2.10 -44.45 2.81
C PRO A 149 -0.91 -44.02 1.94
N ILE A 150 -1.17 -43.64 0.69
CA ILE A 150 -0.19 -43.06 -0.28
C ILE A 150 0.40 -41.76 0.30
N LEU A 151 -0.46 -40.85 0.76
CA LEU A 151 -0.11 -39.47 1.22
C LEU A 151 0.83 -39.55 2.43
N MET A 152 0.59 -40.51 3.33
CA MET A 152 1.32 -40.61 4.62
C MET A 152 2.76 -41.12 4.41
N ALA A 153 3.13 -41.47 3.18
CA ALA A 153 4.53 -41.78 2.79
C ALA A 153 5.30 -40.49 2.51
N MET A 154 4.61 -39.39 2.25
CA MET A 154 5.22 -38.08 1.85
C MET A 154 5.16 -37.07 3.00
N GLY A 155 4.16 -37.18 3.88
CA GLY A 155 3.96 -36.27 5.03
C GLY A 155 3.71 -37.01 6.33
N SER A 156 3.87 -36.32 7.46
CA SER A 156 3.80 -36.88 8.83
C SER A 156 2.44 -36.58 9.46
N GLU A 157 1.71 -35.59 8.91
CA GLU A 157 0.41 -35.14 9.44
C GLU A 157 -0.51 -34.81 8.26
N LEU A 158 -1.76 -35.24 8.34
CA LEU A 158 -2.80 -34.96 7.35
C LEU A 158 -3.91 -34.18 8.03
N ILE A 159 -4.44 -33.16 7.36
CA ILE A 159 -5.61 -32.39 7.84
C ILE A 159 -6.71 -32.53 6.79
N ASN A 160 -7.86 -33.06 7.18
CA ASN A 160 -9.03 -33.18 6.28
C ASN A 160 -9.63 -31.78 6.14
N ALA A 161 -9.40 -31.15 5.00
CA ALA A 161 -9.83 -29.77 4.66
C ALA A 161 -11.36 -29.70 4.50
N GLY A 162 -11.99 -30.85 4.25
CA GLY A 162 -13.45 -31.02 4.37
C GLY A 162 -14.18 -30.76 3.06
N GLY A 163 -13.58 -31.12 1.91
CA GLY A 163 -14.30 -31.13 0.63
C GLY A 163 -13.37 -30.92 -0.57
N PRO A 164 -13.85 -31.19 -1.81
CA PRO A 164 -13.11 -30.82 -3.02
C PRO A 164 -12.76 -29.32 -3.01
N GLY A 165 -11.50 -28.98 -3.26
CA GLY A 165 -10.99 -27.60 -3.40
C GLY A 165 -10.66 -26.96 -2.06
N MET A 166 -10.97 -27.60 -0.94
CA MET A 166 -10.76 -27.03 0.42
C MET A 166 -9.29 -27.19 0.79
N GLY A 167 -8.58 -28.13 0.14
CA GLY A 167 -7.14 -28.35 0.34
C GLY A 167 -6.34 -27.17 -0.15
N ILE A 168 -6.54 -26.80 -1.41
CA ILE A 168 -5.86 -25.65 -2.07
C ILE A 168 -6.28 -24.36 -1.35
N ARG A 169 -7.54 -24.26 -0.91
CA ARG A 169 -8.06 -23.04 -0.24
C ARG A 169 -7.29 -22.83 1.06
N VAL A 170 -7.16 -23.84 1.90
CA VAL A 170 -6.47 -23.68 3.22
C VAL A 170 -4.96 -23.47 2.97
N LYS A 171 -4.41 -24.07 1.91
CA LYS A 171 -3.02 -23.78 1.48
C LYS A 171 -2.88 -22.29 1.12
N LEU A 172 -3.79 -21.74 0.32
CA LEU A 172 -3.76 -20.34 -0.15
C LEU A 172 -3.88 -19.40 1.05
N ILE A 173 -4.86 -19.64 1.95
CA ILE A 173 -5.09 -18.77 3.14
C ILE A 173 -3.82 -18.81 3.99
N ASN A 174 -3.30 -20.00 4.27
CA ASN A 174 -2.05 -20.19 5.06
C ASN A 174 -0.92 -19.42 4.39
N ASN A 175 -0.70 -19.61 3.09
CA ASN A 175 0.46 -19.01 2.36
C ASN A 175 0.25 -17.50 2.26
N TYR A 176 -0.95 -17.04 1.97
CA TYR A 176 -1.23 -15.59 1.95
C TYR A 176 -0.78 -15.01 3.29
N MET A 177 -1.32 -15.58 4.36
CA MET A 177 -1.09 -15.10 5.73
C MET A 177 0.41 -15.10 6.01
N SER A 178 1.12 -16.22 5.79
CA SER A 178 2.55 -16.34 6.19
C SER A 178 3.41 -15.43 5.30
N ILE A 179 3.11 -15.31 4.01
CA ILE A 179 3.97 -14.52 3.06
C ILE A 179 3.83 -13.03 3.40
N ALA A 180 2.62 -12.53 3.61
CA ALA A 180 2.35 -11.11 3.96
C ALA A 180 2.90 -10.83 5.36
N LEU A 181 2.69 -11.76 6.29
CA LEU A 181 3.17 -11.62 7.70
C LEU A 181 4.69 -11.46 7.71
N ASN A 182 5.39 -12.13 6.80
CA ASN A 182 6.87 -12.05 6.68
C ASN A 182 7.22 -10.57 6.46
N ALA A 183 6.52 -9.89 5.56
CA ALA A 183 6.75 -8.46 5.23
C ALA A 183 6.48 -7.59 6.47
N LEU A 184 5.38 -7.86 7.16
CA LEU A 184 5.02 -7.11 8.40
C LEU A 184 6.08 -7.38 9.48
N SER A 185 6.43 -8.63 9.69
CA SER A 185 7.46 -9.04 10.71
C SER A 185 8.78 -8.29 10.45
N ALA A 186 9.13 -8.11 9.18
CA ALA A 186 10.36 -7.38 8.76
C ALA A 186 10.26 -5.92 9.20
N GLU A 187 9.12 -5.27 9.01
CA GLU A 187 8.92 -3.85 9.40
C GLU A 187 9.18 -3.72 10.91
N ALA A 188 8.56 -4.60 11.69
CA ALA A 188 8.66 -4.59 13.17
C ALA A 188 10.13 -4.79 13.56
N ALA A 189 10.82 -5.74 12.94
CA ALA A 189 12.22 -6.08 13.28
C ALA A 189 13.16 -4.93 12.93
N VAL A 190 12.96 -4.24 11.80
CA VAL A 190 13.88 -3.13 11.38
C VAL A 190 13.59 -1.90 12.23
N LEU A 191 12.34 -1.65 12.62
CA LEU A 191 12.01 -0.54 13.56
C LEU A 191 12.67 -0.83 14.92
N CYS A 192 12.61 -2.09 15.35
CA CYS A 192 13.33 -2.62 16.55
C CYS A 192 14.81 -2.21 16.47
N GLU A 193 15.49 -2.58 15.38
CA GLU A 193 16.94 -2.29 15.16
C GLU A 193 17.15 -0.77 15.14
N ALA A 194 16.30 0.00 14.46
CA ALA A 194 16.46 1.47 14.31
C ALA A 194 16.37 2.14 15.68
N LEU A 195 15.59 1.56 16.59
CA LEU A 195 15.44 2.07 17.98
C LEU A 195 16.57 1.56 18.91
N ASN A 196 17.51 0.75 18.40
CA ASN A 196 18.64 0.14 19.15
C ASN A 196 18.11 -0.72 20.31
N LEU A 197 17.05 -1.48 20.05
CA LEU A 197 16.54 -2.52 20.97
C LEU A 197 17.01 -3.88 20.45
N PRO A 198 17.72 -4.68 21.28
CA PRO A 198 18.07 -6.03 20.84
C PRO A 198 16.81 -6.80 20.43
N PHE A 199 16.87 -7.48 19.28
CA PHE A 199 15.71 -8.16 18.66
C PHE A 199 15.20 -9.28 19.58
N ASP A 200 16.12 -10.02 20.21
CA ASP A 200 15.83 -11.15 21.13
C ASP A 200 14.88 -10.68 22.25
N VAL A 201 15.01 -9.44 22.70
CA VAL A 201 14.11 -8.84 23.74
C VAL A 201 12.71 -8.64 23.14
N ALA A 202 12.63 -8.06 21.95
CA ALA A 202 11.35 -7.84 21.22
C ALA A 202 10.63 -9.18 21.06
N VAL A 203 11.36 -10.21 20.60
CA VAL A 203 10.81 -11.57 20.34
C VAL A 203 10.26 -12.17 21.64
N LYS A 204 11.00 -12.01 22.75
CA LYS A 204 10.60 -12.56 24.08
C LYS A 204 9.24 -11.96 24.41
N VAL A 205 9.10 -10.64 24.31
CA VAL A 205 7.85 -9.89 24.63
C VAL A 205 6.74 -10.35 23.69
N MET A 206 6.99 -10.34 22.39
CA MET A 206 5.96 -10.61 21.36
C MET A 206 5.48 -12.06 21.48
N SER A 207 6.33 -12.97 21.96
CA SER A 207 6.00 -14.41 22.16
C SER A 207 4.92 -14.56 23.25
N GLY A 208 4.80 -13.58 24.15
CA GLY A 208 3.81 -13.57 25.24
C GLY A 208 2.53 -12.84 24.90
N THR A 209 2.40 -12.26 23.69
CA THR A 209 1.21 -11.47 23.25
C THR A 209 0.71 -11.94 21.90
N ALA A 210 -0.35 -11.29 21.39
CA ALA A 210 -0.93 -11.54 20.04
C ALA A 210 0.10 -11.19 18.95
N ALA A 211 1.08 -10.34 19.23
CA ALA A 211 2.17 -9.98 18.29
C ALA A 211 2.86 -11.24 17.77
N GLY A 212 3.22 -12.15 18.67
CA GLY A 212 3.93 -13.42 18.36
C GLY A 212 2.98 -14.60 18.26
N LYS A 213 1.89 -14.61 19.04
CA LYS A 213 0.95 -15.77 19.13
C LYS A 213 -0.17 -15.63 18.09
N GLY A 214 -0.38 -14.44 17.54
CA GLY A 214 -1.47 -14.16 16.58
C GLY A 214 -2.77 -13.88 17.29
N HIS A 215 -3.77 -13.45 16.52
CA HIS A 215 -5.09 -12.98 17.02
C HIS A 215 -6.12 -14.09 16.92
N PHE A 216 -5.94 -15.00 15.96
CA PHE A 216 -6.88 -16.09 15.59
C PHE A 216 -7.34 -16.85 16.83
N THR A 217 -6.41 -17.15 17.75
CA THR A 217 -6.65 -18.02 18.94
C THR A 217 -6.51 -17.22 20.24
N THR A 218 -6.27 -15.91 20.19
CA THR A 218 -6.10 -15.05 21.40
C THR A 218 -7.26 -14.06 21.53
N SER A 219 -7.24 -12.96 20.78
CA SER A 219 -8.18 -11.81 20.91
C SER A 219 -9.52 -12.11 20.24
N TRP A 220 -9.56 -13.01 19.25
CA TRP A 220 -10.74 -13.19 18.36
C TRP A 220 -11.79 -14.12 18.96
N PRO A 221 -11.43 -15.29 19.54
CA PRO A 221 -12.44 -16.31 19.87
C PRO A 221 -13.61 -15.81 20.74
N ASN A 222 -13.34 -15.10 21.83
CA ASN A 222 -14.37 -14.72 22.83
C ASN A 222 -14.88 -13.29 22.56
N LYS A 223 -14.35 -12.61 21.54
CA LYS A 223 -14.84 -11.27 21.14
C LYS A 223 -15.58 -11.39 19.80
N VAL A 224 -15.00 -10.93 18.69
CA VAL A 224 -15.72 -10.83 17.38
C VAL A 224 -16.29 -12.19 16.98
N LEU A 225 -15.55 -13.29 17.17
CA LEU A 225 -16.01 -14.64 16.71
C LEU A 225 -17.17 -15.13 17.59
N SER A 226 -17.40 -14.50 18.75
CA SER A 226 -18.55 -14.77 19.66
C SER A 226 -19.62 -13.68 19.52
N GLY A 227 -19.45 -12.75 18.58
CA GLY A 227 -20.40 -11.63 18.35
C GLY A 227 -20.35 -10.59 19.47
N ASP A 228 -19.30 -10.60 20.30
CA ASP A 228 -19.10 -9.60 21.38
C ASP A 228 -18.01 -8.60 20.95
N LEU A 229 -18.39 -7.34 20.76
CA LEU A 229 -17.47 -6.26 20.28
C LEU A 229 -17.14 -5.30 21.43
N SER A 230 -17.54 -5.62 22.66
CA SER A 230 -17.21 -4.81 23.85
C SER A 230 -15.69 -4.79 24.00
N PRO A 231 -15.07 -3.63 24.25
CA PRO A 231 -13.60 -3.51 24.15
C PRO A 231 -12.83 -4.23 25.25
N ALA A 232 -11.82 -5.00 24.86
CA ALA A 232 -10.65 -5.36 25.70
C ALA A 232 -9.53 -4.38 25.35
N PHE A 233 -9.33 -4.12 24.06
CA PHE A 233 -8.44 -3.06 23.52
C PHE A 233 -9.19 -2.32 22.41
N MET A 234 -9.44 -1.03 22.65
CA MET A 234 -10.30 -0.20 21.79
C MET A 234 -9.57 0.12 20.48
N ILE A 235 -10.32 0.13 19.37
CA ILE A 235 -9.85 0.50 18.01
C ILE A 235 -9.16 1.88 18.05
N ASP A 236 -9.74 2.86 18.74
CA ASP A 236 -9.18 4.24 18.84
C ASP A 236 -7.78 4.20 19.45
N LEU A 237 -7.59 3.39 20.48
CA LEU A 237 -6.27 3.26 21.16
C LEU A 237 -5.28 2.54 20.26
N ALA A 238 -5.68 1.41 19.67
CA ALA A 238 -4.90 0.70 18.63
C ALA A 238 -4.50 1.69 17.54
N HIS A 239 -5.46 2.49 17.06
CA HIS A 239 -5.25 3.51 16.01
C HIS A 239 -4.16 4.49 16.45
N LYS A 240 -4.24 4.97 17.70
CA LYS A 240 -3.29 5.96 18.27
C LYS A 240 -1.88 5.34 18.32
N ASP A 241 -1.75 4.11 18.82
CA ASP A 241 -0.43 3.45 19.00
C ASP A 241 0.21 3.28 17.63
N LEU A 242 -0.58 2.90 16.62
CA LEU A 242 -0.11 2.72 15.21
C LEU A 242 0.47 4.04 14.72
N GLY A 243 -0.22 5.15 14.99
CA GLY A 243 0.25 6.52 14.70
C GLY A 243 1.62 6.77 15.29
N ILE A 244 1.83 6.45 16.55
CA ILE A 244 3.14 6.68 17.21
C ILE A 244 4.19 5.85 16.48
N ALA A 245 3.89 4.59 16.18
CA ALA A 245 4.84 3.67 15.51
C ALA A 245 5.26 4.27 14.16
N LEU A 246 4.30 4.80 13.40
CA LEU A 246 4.55 5.34 12.04
C LEU A 246 5.31 6.66 12.15
N ASP A 247 5.01 7.50 13.15
CA ASP A 247 5.77 8.76 13.40
C ASP A 247 7.24 8.40 13.65
N VAL A 248 7.50 7.40 14.49
CA VAL A 248 8.87 6.98 14.90
C VAL A 248 9.58 6.43 13.67
N ALA A 249 8.98 5.45 12.99
CA ALA A 249 9.50 4.86 11.72
C ALA A 249 9.84 5.99 10.74
N ASN A 250 8.95 6.97 10.59
CA ASN A 250 9.15 8.04 9.60
C ASN A 250 10.27 8.98 10.08
N GLN A 251 10.45 9.20 11.39
CA GLN A 251 11.58 10.02 11.90
C GLN A 251 12.91 9.27 11.69
N LEU A 252 12.90 7.93 11.79
CA LEU A 252 14.13 7.07 11.67
C LEU A 252 14.27 6.50 10.25
N HIS A 253 13.42 6.93 9.32
CA HIS A 253 13.37 6.48 7.90
C HIS A 253 13.42 4.95 7.80
N VAL A 254 12.56 4.27 8.54
CA VAL A 254 12.27 2.83 8.34
C VAL A 254 10.94 2.75 7.60
N PRO A 255 10.92 2.46 6.28
CA PRO A 255 9.67 2.41 5.53
C PRO A 255 8.81 1.25 6.04
N MET A 256 7.54 1.54 6.32
CA MET A 256 6.59 0.52 6.85
C MET A 256 5.29 0.56 6.06
N PRO A 257 5.34 0.13 4.79
CA PRO A 257 4.17 0.19 3.92
C PRO A 257 2.96 -0.57 4.51
N LEU A 258 3.16 -1.75 5.12
CA LEU A 258 2.03 -2.52 5.69
C LEU A 258 1.45 -1.78 6.91
N GLY A 259 2.28 -1.25 7.79
CA GLY A 259 1.82 -0.42 8.93
C GLY A 259 0.98 0.73 8.45
N ALA A 260 1.48 1.47 7.45
CA ALA A 260 0.84 2.68 6.88
C ALA A 260 -0.53 2.30 6.32
N ALA A 261 -0.61 1.21 5.56
CA ALA A 261 -1.89 0.71 5.00
C ALA A 261 -2.82 0.32 6.16
N SER A 262 -2.30 -0.36 7.17
CA SER A 262 -3.11 -0.88 8.30
C SER A 262 -3.73 0.30 9.07
N ARG A 263 -3.03 1.43 9.18
CA ARG A 263 -3.60 2.57 9.92
C ARG A 263 -4.82 3.09 9.18
N GLU A 264 -4.80 3.06 7.84
CA GLU A 264 -5.93 3.60 7.03
C GLU A 264 -7.12 2.64 7.15
N VAL A 265 -6.88 1.36 7.44
CA VAL A 265 -7.95 0.36 7.72
C VAL A 265 -8.59 0.70 9.07
N TYR A 266 -7.78 0.95 10.09
CA TYR A 266 -8.26 1.38 11.43
C TYR A 266 -9.03 2.70 11.28
N SER A 267 -8.53 3.62 10.44
CA SER A 267 -9.17 4.93 10.17
C SER A 267 -10.56 4.68 9.59
N GLN A 268 -10.69 3.74 8.65
CA GLN A 268 -11.99 3.38 8.04
C GLN A 268 -12.94 2.85 9.13
N ALA A 269 -12.41 2.08 10.08
CA ALA A 269 -13.20 1.50 11.19
C ALA A 269 -13.68 2.64 12.07
N ARG A 270 -12.86 3.68 12.27
CA ARG A 270 -13.24 4.85 13.10
C ARG A 270 -14.35 5.63 12.39
N ALA A 271 -14.19 5.90 11.09
CA ALA A 271 -15.20 6.60 10.27
C ALA A 271 -16.56 5.89 10.38
N ALA A 272 -16.55 4.56 10.48
CA ALA A 272 -17.77 3.72 10.50
C ALA A 272 -18.39 3.64 11.90
N GLY A 273 -17.76 4.26 12.92
CA GLY A 273 -18.28 4.34 14.30
C GLY A 273 -17.80 3.19 15.18
N ARG A 274 -16.65 2.58 14.87
CA ARG A 274 -16.16 1.39 15.60
C ARG A 274 -15.06 1.76 16.59
N GLY A 275 -14.81 3.05 16.81
CA GLY A 275 -13.68 3.56 17.59
C GLY A 275 -13.62 2.99 19.00
N ARG A 276 -14.79 2.75 19.63
CA ARG A 276 -14.84 2.31 21.05
C ARG A 276 -15.07 0.79 21.10
N GLN A 277 -15.21 0.14 19.93
CA GLN A 277 -15.29 -1.35 19.83
C GLN A 277 -13.91 -1.97 20.10
N ASP A 278 -13.90 -3.27 20.43
CA ASP A 278 -12.67 -4.09 20.59
C ASP A 278 -11.94 -4.13 19.24
N TRP A 279 -10.60 -4.17 19.26
CA TRP A 279 -9.78 -4.27 18.03
C TRP A 279 -10.20 -5.47 17.17
N SER A 280 -10.71 -6.56 17.74
CA SER A 280 -11.20 -7.74 16.97
C SER A 280 -12.31 -7.31 15.99
N ALA A 281 -12.95 -6.15 16.21
CA ALA A 281 -14.05 -5.65 15.35
C ALA A 281 -13.50 -5.25 13.97
N ILE A 282 -12.18 -5.07 13.84
CA ILE A 282 -11.55 -4.86 12.50
C ILE A 282 -12.00 -5.98 11.56
N LEU A 283 -12.14 -7.22 12.04
CA LEU A 283 -12.63 -8.34 11.21
C LEU A 283 -13.99 -7.98 10.61
N GLU A 284 -14.92 -7.47 11.44
CA GLU A 284 -16.29 -7.09 10.99
C GLU A 284 -16.17 -5.97 9.94
N GLN A 285 -15.30 -4.99 10.17
CA GLN A 285 -15.04 -3.87 9.23
C GLN A 285 -14.59 -4.41 7.85
N VAL A 286 -13.66 -5.37 7.83
CA VAL A 286 -13.15 -5.93 6.55
C VAL A 286 -14.26 -6.75 5.89
N ARG A 287 -15.11 -7.44 6.67
CA ARG A 287 -16.28 -8.19 6.12
C ARG A 287 -17.24 -7.21 5.44
N VAL A 288 -17.60 -6.10 6.10
CA VAL A 288 -18.52 -5.07 5.51
C VAL A 288 -17.84 -4.52 4.25
N SER A 289 -16.56 -4.16 4.33
CA SER A 289 -15.74 -3.63 3.20
C SER A 289 -15.81 -4.57 1.99
N ALA A 290 -15.91 -5.88 2.21
CA ALA A 290 -15.99 -6.91 1.14
C ALA A 290 -17.44 -7.15 0.71
N GLY A 291 -18.40 -6.35 1.21
CA GLY A 291 -19.83 -6.44 0.83
C GLY A 291 -20.51 -7.66 1.43
N MET A 292 -20.00 -8.19 2.56
CA MET A 292 -20.65 -9.29 3.33
C MET A 292 -21.61 -8.69 4.35
N THR A 293 -22.64 -9.47 4.71
CA THR A 293 -23.71 -9.09 5.68
C THR A 293 -23.08 -9.07 7.06
N ALA A 294 -23.32 -8.03 7.86
CA ALA A 294 -22.75 -7.84 9.22
C ALA A 294 -23.24 -8.97 10.12
N LYS A 295 -22.35 -9.52 10.95
CA LYS A 295 -22.61 -10.63 11.91
C LYS A 295 -23.16 -10.05 13.21
N PHE B 6 -0.24 7.43 42.68
CA PHE B 6 -0.90 6.94 41.42
C PHE B 6 -1.56 8.12 40.71
N ILE B 7 -1.05 8.47 39.53
CA ILE B 7 -1.67 9.50 38.64
C ILE B 7 -2.23 8.78 37.41
N GLY B 8 -3.56 8.86 37.21
CA GLY B 8 -4.26 8.34 36.01
C GLY B 8 -5.12 7.12 36.31
N LEU B 9 -6.45 7.28 36.31
CA LEU B 9 -7.41 6.20 36.69
C LEU B 9 -8.21 5.73 35.46
N GLY B 10 -7.56 5.57 34.30
CA GLY B 10 -8.19 5.18 33.01
C GLY B 10 -8.53 3.71 32.92
N GLN B 11 -8.69 3.16 31.71
CA GLN B 11 -9.08 1.74 31.45
C GLN B 11 -8.03 0.81 32.08
N MET B 12 -6.76 1.23 32.10
CA MET B 12 -5.62 0.49 32.70
C MET B 12 -5.34 1.02 34.11
N GLY B 13 -5.23 2.34 34.28
CA GLY B 13 -4.91 2.99 35.57
C GLY B 13 -5.82 2.51 36.68
N SER B 14 -7.14 2.52 36.47
CA SER B 14 -8.17 2.25 37.51
C SER B 14 -7.95 0.87 38.11
N PRO B 15 -8.00 -0.25 37.34
CA PRO B 15 -7.74 -1.59 37.88
C PRO B 15 -6.35 -1.79 38.49
N MET B 16 -5.33 -1.12 37.94
CA MET B 16 -3.93 -1.21 38.44
C MET B 16 -3.89 -0.65 39.86
N ALA B 17 -4.41 0.56 40.05
CA ALA B 17 -4.54 1.24 41.36
C ALA B 17 -5.39 0.37 42.29
N SER B 18 -6.46 -0.24 41.78
CA SER B 18 -7.35 -1.16 42.53
C SER B 18 -6.55 -2.34 43.09
N ASN B 19 -5.64 -2.89 42.29
CA ASN B 19 -4.81 -4.06 42.70
C ASN B 19 -3.79 -3.59 43.75
N LEU B 20 -3.27 -2.35 43.65
CA LEU B 20 -2.33 -1.76 44.64
C LEU B 20 -2.99 -1.69 46.02
N LEU B 21 -4.25 -1.22 46.10
CA LEU B 21 -5.01 -1.02 47.36
C LEU B 21 -4.98 -2.29 48.25
N GLN B 22 -4.92 -3.49 47.63
CA GLN B 22 -4.59 -4.75 48.34
C GLN B 22 -3.16 -4.65 48.88
N VAL B 29 -3.68 9.52 45.16
CA VAL B 29 -4.28 9.26 43.82
C VAL B 29 -4.91 10.57 43.27
N PHE B 30 -4.64 10.87 41.99
CA PHE B 30 -5.21 12.05 41.27
C PHE B 30 -5.68 11.64 39.87
N ASP B 31 -6.78 12.24 39.41
CA ASP B 31 -7.33 12.11 38.03
C ASP B 31 -8.31 13.26 37.80
N VAL B 32 -8.40 13.77 36.57
CA VAL B 32 -9.20 15.00 36.24
C VAL B 32 -10.70 14.71 36.45
N ASN B 33 -11.14 13.45 36.33
CA ASN B 33 -12.55 13.01 36.50
C ASN B 33 -12.80 12.66 37.97
N ALA B 34 -13.65 13.44 38.64
CA ALA B 34 -14.05 13.29 40.06
C ALA B 34 -14.78 11.95 40.31
N GLU B 35 -15.46 11.40 39.29
CA GLU B 35 -16.20 10.12 39.42
C GLU B 35 -15.17 8.99 39.56
N ALA B 36 -14.06 9.06 38.82
CA ALA B 36 -12.94 8.10 38.86
C ALA B 36 -12.30 8.15 40.26
N VAL B 37 -12.06 9.36 40.77
CA VAL B 37 -11.55 9.58 42.16
C VAL B 37 -12.50 8.85 43.12
N ARG B 38 -13.82 9.05 42.97
CA ARG B 38 -14.87 8.52 43.89
C ARG B 38 -14.84 6.98 43.91
N HIS B 39 -14.66 6.34 42.75
CA HIS B 39 -14.67 4.86 42.61
C HIS B 39 -13.51 4.24 43.40
N LEU B 40 -12.34 4.90 43.42
CA LEU B 40 -11.12 4.39 44.10
C LEU B 40 -11.22 4.70 45.60
N VAL B 41 -11.88 5.80 45.99
CA VAL B 41 -12.09 6.16 47.44
C VAL B 41 -12.99 5.09 48.08
N ASP B 42 -14.02 4.64 47.37
CA ASP B 42 -14.94 3.56 47.82
C ASP B 42 -14.28 2.19 47.64
N LYS B 43 -12.97 2.11 47.40
CA LYS B 43 -12.15 0.86 47.44
C LYS B 43 -10.94 1.07 48.37
N GLY B 44 -10.85 2.23 49.04
CA GLY B 44 -9.68 2.65 49.85
C GLY B 44 -8.89 3.79 49.20
N ALA B 48 -6.68 13.44 46.94
CA ALA B 48 -5.64 14.37 46.45
C ALA B 48 -6.25 15.29 45.36
N ALA B 49 -5.92 16.59 45.42
CA ALA B 49 -6.34 17.62 44.44
C ALA B 49 -5.26 17.78 43.35
N ASN B 50 -4.07 17.25 43.59
CA ASN B 50 -2.91 17.32 42.67
C ASN B 50 -1.82 16.35 43.15
N PRO B 51 -0.79 16.05 42.32
CA PRO B 51 0.29 15.14 42.69
C PRO B 51 0.96 15.37 44.05
N ASP B 57 4.49 12.71 49.94
CA ASP B 57 5.61 12.09 50.69
C ASP B 57 5.70 10.59 50.36
N ALA B 58 5.55 10.25 49.09
CA ALA B 58 5.49 8.87 48.55
C ALA B 58 6.89 8.43 48.07
N GLU B 59 7.22 7.15 48.22
CA GLU B 59 8.48 6.52 47.76
C GLU B 59 8.39 6.25 46.25
N PHE B 60 7.20 5.89 45.75
CA PHE B 60 6.95 5.56 44.32
C PHE B 60 5.83 6.45 43.77
N ILE B 61 6.11 7.10 42.64
CA ILE B 61 5.11 7.75 41.76
C ILE B 61 4.93 6.84 40.55
N ILE B 62 3.69 6.37 40.33
CA ILE B 62 3.28 5.67 39.08
C ILE B 62 2.38 6.63 38.31
N THR B 63 2.69 6.82 37.03
CA THR B 63 1.83 7.55 36.06
C THR B 63 1.35 6.53 35.02
N MET B 64 0.04 6.57 34.72
CA MET B 64 -0.60 5.80 33.63
C MET B 64 -1.55 6.74 32.90
N LEU B 65 -1.02 7.48 31.92
CA LEU B 65 -1.74 8.57 31.21
C LEU B 65 -1.73 8.33 29.70
N PRO B 66 -2.67 8.97 28.95
CA PRO B 66 -2.86 8.70 27.53
C PRO B 66 -1.75 9.10 26.56
N ASN B 67 -0.92 10.09 26.89
CA ASN B 67 0.16 10.59 25.99
C ASN B 67 1.28 11.29 26.78
N GLY B 68 2.42 11.49 26.12
CA GLY B 68 3.68 12.01 26.70
C GLY B 68 3.61 13.46 27.10
N ASP B 69 2.66 14.23 26.54
CA ASP B 69 2.46 15.66 26.88
C ASP B 69 1.80 15.74 28.27
N LEU B 70 0.73 14.97 28.49
CA LEU B 70 -0.01 14.88 29.77
C LEU B 70 0.92 14.34 30.86
N VAL B 71 1.84 13.43 30.51
CA VAL B 71 2.83 12.93 31.49
C VAL B 71 3.73 14.10 31.92
N ARG B 72 4.24 14.89 30.96
CA ARG B 72 5.13 16.05 31.22
C ARG B 72 4.37 17.08 32.06
N ASN B 73 3.14 17.42 31.68
CA ASN B 73 2.30 18.46 32.34
C ASN B 73 1.90 18.00 33.75
N VAL B 74 1.94 16.69 34.02
CA VAL B 74 1.60 16.10 35.34
C VAL B 74 2.87 16.05 36.19
N LEU B 75 4.05 15.96 35.59
CA LEU B 75 5.36 15.93 36.31
C LEU B 75 5.91 17.34 36.50
N PHE B 76 5.85 18.20 35.48
CA PHE B 76 6.60 19.49 35.43
C PHE B 76 5.67 20.71 35.36
N GLY B 77 4.34 20.53 35.32
CA GLY B 77 3.36 21.62 35.14
C GLY B 77 2.98 22.32 36.43
N GLU B 78 2.11 23.34 36.35
CA GLU B 78 1.49 24.05 37.51
C GLU B 78 0.88 23.02 38.46
N ASN B 79 1.36 22.96 39.70
CA ASN B 79 0.98 21.92 40.70
C ASN B 79 1.42 20.56 40.16
N GLY B 80 2.69 20.45 39.79
CA GLY B 80 3.30 19.22 39.24
C GLY B 80 3.83 18.29 40.31
N VAL B 81 4.22 17.07 39.91
CA VAL B 81 4.78 16.01 40.79
C VAL B 81 6.12 16.51 41.33
N CYS B 82 6.94 17.15 40.49
CA CYS B 82 8.32 17.61 40.81
C CYS B 82 8.27 18.52 42.05
N GLU B 83 7.23 19.36 42.16
CA GLU B 83 7.06 20.35 43.27
C GLU B 83 6.84 19.61 44.60
N GLY B 84 6.30 18.39 44.58
CA GLY B 84 6.00 17.60 45.80
C GLY B 84 6.75 16.27 45.88
N LEU B 85 7.70 16.02 44.96
CA LEU B 85 8.45 14.73 44.84
C LEU B 85 9.64 14.78 45.79
N SER B 86 9.97 13.62 46.40
CA SER B 86 11.14 13.40 47.27
C SER B 86 12.32 12.89 46.44
N THR B 87 13.54 13.19 46.87
CA THR B 87 14.81 12.78 46.20
C THR B 87 14.97 11.25 46.25
N ASP B 88 14.14 10.54 47.05
CA ASP B 88 14.19 9.05 47.21
C ASP B 88 13.24 8.38 46.22
N LEU B 90 12.05 5.97 42.98
CA LEU B 90 11.78 5.68 41.54
C LEU B 90 10.40 6.22 41.17
N VAL B 91 10.34 7.14 40.19
CA VAL B 91 9.11 7.47 39.41
C VAL B 91 8.99 6.44 38.27
N ILE B 92 7.84 5.79 38.16
CA ILE B 92 7.58 4.73 37.12
C ILE B 92 6.45 5.21 36.20
N ASP B 93 6.81 5.64 34.98
CA ASP B 93 5.85 5.87 33.88
C ASP B 93 5.55 4.53 33.22
N MET B 94 4.30 4.08 33.33
CA MET B 94 3.82 2.82 32.73
C MET B 94 2.96 3.16 31.50
N SER B 95 2.98 4.44 31.06
CA SER B 95 2.19 4.95 29.91
C SER B 95 2.75 4.44 28.57
N THR B 96 1.91 4.36 27.55
CA THR B 96 2.35 4.19 26.15
C THR B 96 2.48 5.57 25.52
N ILE B 97 3.72 6.06 25.41
CA ILE B 97 4.04 7.38 24.80
C ILE B 97 5.19 7.20 23.82
N HIS B 98 5.57 8.29 23.16
CA HIS B 98 6.66 8.34 22.17
C HIS B 98 7.98 8.02 22.89
N PRO B 99 8.77 7.04 22.42
CA PRO B 99 10.04 6.69 23.06
C PRO B 99 10.95 7.90 23.30
N LEU B 100 11.08 8.77 22.31
CA LEU B 100 11.93 10.00 22.42
C LEU B 100 11.36 10.91 23.52
N GLN B 101 10.04 10.94 23.72
CA GLN B 101 9.41 11.72 24.82
C GLN B 101 9.83 11.12 26.17
N THR B 102 9.88 9.79 26.26
CA THR B 102 10.32 9.04 27.46
C THR B 102 11.79 9.37 27.75
N ASP B 103 12.69 9.23 26.76
CA ASP B 103 14.14 9.57 26.87
C ASP B 103 14.33 10.98 27.45
N LYS B 104 13.59 11.97 26.93
CA LYS B 104 13.70 13.39 27.35
C LYS B 104 13.21 13.55 28.79
N LEU B 105 12.11 12.86 29.16
CA LEU B 105 11.53 12.93 30.53
C LEU B 105 12.49 12.28 31.53
N ILE B 106 13.12 11.15 31.18
CA ILE B 106 14.07 10.42 32.08
C ILE B 106 15.30 11.29 32.31
N ALA B 107 15.72 12.06 31.31
CA ALA B 107 16.91 12.94 31.35
C ALA B 107 16.59 14.21 32.12
N ASP B 108 15.41 14.80 31.90
CA ASP B 108 14.96 16.06 32.54
C ASP B 108 14.67 15.81 34.03
N MET B 109 14.39 14.56 34.41
CA MET B 109 14.22 14.13 35.83
C MET B 109 15.59 13.74 36.42
N GLN B 110 16.49 13.16 35.62
CA GLN B 110 17.90 12.85 36.02
C GLN B 110 18.69 14.16 36.20
N ALA B 111 18.29 15.23 35.50
CA ALA B 111 18.92 16.57 35.55
C ALA B 111 18.62 17.25 36.90
N LYS B 112 17.47 16.95 37.50
CA LYS B 112 17.00 17.58 38.76
C LYS B 112 17.20 16.63 39.95
N GLY B 113 18.02 15.57 39.79
CA GLY B 113 18.41 14.66 40.88
C GLY B 113 17.48 13.46 41.04
N PHE B 114 16.34 13.45 40.33
CA PHE B 114 15.24 12.47 40.47
C PHE B 114 15.50 11.25 39.58
N SER B 115 14.98 10.08 39.96
CA SER B 115 15.08 8.79 39.21
C SER B 115 13.74 8.47 38.54
N MET B 116 13.77 8.23 37.23
CA MET B 116 12.57 7.88 36.42
C MET B 116 12.87 6.65 35.53
N MET B 117 11.94 5.70 35.54
CA MET B 117 12.04 4.47 34.72
C MET B 117 10.72 4.28 33.94
N ASP B 118 10.84 3.66 32.77
CA ASP B 118 9.71 3.35 31.86
C ASP B 118 9.34 1.88 32.04
N VAL B 119 8.13 1.61 32.53
CA VAL B 119 7.60 0.22 32.67
C VAL B 119 6.19 0.22 32.09
N PRO B 120 6.06 0.32 30.75
CA PRO B 120 4.78 0.11 30.07
C PRO B 120 4.39 -1.37 30.21
N VAL B 121 3.15 -1.72 29.89
CA VAL B 121 2.64 -3.11 30.09
C VAL B 121 2.13 -3.66 28.76
N GLY B 122 2.36 -4.95 28.52
CA GLY B 122 1.75 -5.73 27.43
C GLY B 122 0.48 -6.39 27.92
N ARG B 123 -0.36 -6.87 27.00
CA ARG B 123 -1.70 -7.48 27.25
C ARG B 123 -2.70 -6.36 27.57
N THR B 124 -3.98 -6.73 27.72
CA THR B 124 -5.15 -5.81 27.61
C THR B 124 -5.67 -5.46 28.99
N SER B 125 -6.79 -4.74 29.05
CA SER B 125 -7.47 -4.27 30.29
C SER B 125 -8.07 -5.43 31.07
N ALA B 126 -8.40 -6.54 30.39
CA ALA B 126 -8.84 -7.80 31.04
C ALA B 126 -7.70 -8.32 31.93
N ASN B 127 -6.45 -8.17 31.51
CA ASN B 127 -5.25 -8.64 32.24
C ASN B 127 -4.87 -7.64 33.35
N ALA B 128 -5.14 -6.35 33.13
CA ALA B 128 -4.96 -5.29 34.15
C ALA B 128 -5.86 -5.59 35.34
N ILE B 129 -7.10 -6.01 35.06
CA ILE B 129 -8.13 -6.35 36.10
C ILE B 129 -7.59 -7.51 36.95
N THR B 130 -7.06 -8.57 36.33
CA THR B 130 -6.62 -9.83 37.00
C THR B 130 -5.15 -9.73 37.46
N GLY B 131 -4.47 -8.59 37.21
CA GLY B 131 -3.06 -8.36 37.59
C GLY B 131 -2.12 -9.32 36.88
N THR B 132 -2.43 -9.64 35.63
CA THR B 132 -1.70 -10.64 34.79
C THR B 132 -1.11 -9.93 33.56
N LEU B 133 -0.80 -8.65 33.69
CA LEU B 133 -0.12 -7.87 32.63
C LEU B 133 1.27 -8.45 32.38
N LEU B 134 1.81 -8.25 31.18
CA LEU B 134 3.25 -8.39 30.88
C LEU B 134 3.93 -7.07 31.27
N LEU B 135 4.84 -7.10 32.24
CA LEU B 135 5.57 -5.90 32.73
C LEU B 135 6.83 -5.72 31.87
N LEU B 136 6.94 -4.60 31.16
CA LEU B 136 8.03 -4.36 30.17
C LEU B 136 8.99 -3.37 30.79
N ALA B 137 9.95 -3.89 31.55
CA ALA B 137 10.77 -3.13 32.52
C ALA B 137 11.94 -2.48 31.78
N GLY B 138 11.82 -1.19 31.48
CA GLY B 138 12.96 -0.32 31.14
C GLY B 138 13.62 0.17 32.40
N GLY B 139 14.54 1.14 32.27
CA GLY B 139 15.33 1.70 33.38
C GLY B 139 16.57 0.84 33.64
N THR B 140 17.43 1.29 34.56
CA THR B 140 18.73 0.67 34.92
C THR B 140 18.51 -0.73 35.50
N ALA B 141 19.47 -1.64 35.27
CA ALA B 141 19.42 -3.04 35.76
C ALA B 141 19.27 -3.03 37.29
N GLU B 142 19.90 -2.07 37.97
CA GLU B 142 19.78 -1.87 39.44
C GLU B 142 18.34 -1.44 39.77
N GLN B 143 17.87 -0.41 39.06
CA GLN B 143 16.59 0.29 39.30
C GLN B 143 15.40 -0.66 39.18
N VAL B 144 15.48 -1.71 38.37
CA VAL B 144 14.40 -2.73 38.18
C VAL B 144 14.03 -3.37 39.53
N GLU B 145 15.02 -3.76 40.33
CA GLU B 145 14.84 -4.37 41.68
C GLU B 145 14.02 -3.41 42.56
N ARG B 146 14.41 -2.13 42.60
CA ARG B 146 13.80 -1.12 43.49
C ARG B 146 12.28 -1.06 43.27
N ALA B 147 11.81 -1.05 42.01
CA ALA B 147 10.36 -0.96 41.69
C ALA B 147 9.77 -2.37 41.53
N THR B 148 10.62 -3.35 41.20
CA THR B 148 10.22 -4.72 40.76
C THR B 148 9.22 -5.33 41.75
N PRO B 149 9.51 -5.29 43.07
CA PRO B 149 8.59 -5.89 44.05
C PRO B 149 7.17 -5.34 43.99
N ILE B 150 7.04 -4.00 43.90
CA ILE B 150 5.77 -3.24 43.79
C ILE B 150 5.06 -3.67 42.48
N LEU B 151 5.77 -3.68 41.35
CA LEU B 151 5.07 -3.80 40.03
C LEU B 151 4.79 -5.28 39.73
N MET B 152 5.45 -6.23 40.40
CA MET B 152 5.30 -7.70 40.15
C MET B 152 3.98 -8.20 40.76
N ALA B 153 3.22 -7.34 41.45
CA ALA B 153 1.84 -7.64 41.91
C ALA B 153 0.85 -7.31 40.80
N MET B 154 1.17 -6.33 39.93
CA MET B 154 0.26 -5.73 38.92
C MET B 154 0.35 -6.47 37.57
N GLY B 155 1.44 -7.24 37.40
CA GLY B 155 1.61 -8.22 36.29
C GLY B 155 2.04 -9.59 36.79
N SER B 156 1.97 -10.59 35.91
CA SER B 156 2.29 -12.02 36.15
C SER B 156 3.70 -12.36 35.64
N GLU B 157 4.27 -11.52 34.78
CA GLU B 157 5.59 -11.74 34.13
C GLU B 157 6.29 -10.39 33.97
N LEU B 158 7.60 -10.36 34.19
CA LEU B 158 8.45 -9.15 33.97
C LEU B 158 9.52 -9.50 32.94
N ILE B 159 9.77 -8.60 31.99
CA ILE B 159 10.85 -8.78 30.97
C ILE B 159 11.81 -7.59 31.11
N ASN B 160 13.07 -7.89 31.40
CA ASN B 160 14.12 -6.85 31.56
C ASN B 160 14.47 -6.37 30.15
N ALA B 161 14.01 -5.18 29.78
CA ALA B 161 14.18 -4.57 28.43
C ALA B 161 15.64 -4.16 28.22
N GLY B 162 16.39 -3.97 29.30
CA GLY B 162 17.86 -3.84 29.29
C GLY B 162 18.32 -2.39 29.13
N GLY B 163 17.61 -1.42 29.71
CA GLY B 163 18.12 -0.04 29.84
C GLY B 163 17.01 0.99 29.92
N PRO B 164 17.32 2.25 30.32
CA PRO B 164 16.36 3.35 30.24
C PRO B 164 15.80 3.48 28.82
N GLY B 165 14.47 3.55 28.70
CA GLY B 165 13.74 3.78 27.43
C GLY B 165 13.53 2.51 26.63
N MET B 166 14.09 1.37 27.06
CA MET B 166 13.99 0.09 26.32
C MET B 166 12.63 -0.54 26.61
N GLY B 167 11.99 -0.13 27.70
CA GLY B 167 10.64 -0.61 28.08
C GLY B 167 9.61 -0.10 27.09
N ILE B 168 9.56 1.21 26.88
CA ILE B 168 8.65 1.86 25.90
C ILE B 168 8.98 1.39 24.48
N ARG B 169 10.25 1.16 24.17
CA ARG B 169 10.69 0.74 22.82
C ARG B 169 10.08 -0.64 22.53
N VAL B 170 10.22 -1.61 23.43
CA VAL B 170 9.73 -2.99 23.18
C VAL B 170 8.20 -2.97 23.22
N LYS B 171 7.60 -2.08 24.00
CA LYS B 171 6.12 -1.88 23.98
C LYS B 171 5.67 -1.45 22.58
N LEU B 172 6.37 -0.46 21.98
CA LEU B 172 6.01 0.09 20.65
C LEU B 172 6.11 -1.01 19.59
N ILE B 173 7.22 -1.76 19.57
CA ILE B 173 7.46 -2.87 18.60
C ILE B 173 6.33 -3.88 18.74
N ASN B 174 6.06 -4.31 19.97
CA ASN B 174 5.00 -5.32 20.27
C ASN B 174 3.66 -4.79 19.78
N ASN B 175 3.31 -3.56 20.12
CA ASN B 175 1.97 -2.98 19.81
C ASN B 175 1.87 -2.74 18.30
N TYR B 176 2.94 -2.25 17.68
CA TYR B 176 2.95 -2.07 16.22
C TYR B 176 2.59 -3.41 15.59
N MET B 177 3.36 -4.42 15.94
CA MET B 177 3.26 -5.77 15.35
C MET B 177 1.84 -6.28 15.55
N SER B 178 1.32 -6.25 16.78
CA SER B 178 0.00 -6.89 17.08
C SER B 178 -1.13 -6.10 16.41
N ILE B 179 -1.05 -4.77 16.38
CA ILE B 179 -2.17 -3.93 15.86
C ILE B 179 -2.25 -4.11 14.34
N ALA B 180 -1.11 -4.07 13.64
CA ALA B 180 -1.04 -4.25 12.18
C ALA B 180 -1.44 -5.67 11.82
N LEU B 181 -0.95 -6.65 12.59
CA LEU B 181 -1.22 -8.10 12.36
C LEU B 181 -2.73 -8.32 12.39
N ASN B 182 -3.44 -7.62 13.27
CA ASN B 182 -4.91 -7.75 13.40
C ASN B 182 -5.52 -7.45 12.02
N ALA B 183 -5.08 -6.37 11.36
CA ALA B 183 -5.59 -5.93 10.04
C ALA B 183 -5.30 -7.01 9.00
N LEU B 184 -4.08 -7.55 9.01
CA LEU B 184 -3.68 -8.61 8.07
C LEU B 184 -4.52 -9.87 8.32
N SER B 185 -4.63 -10.27 9.59
CA SER B 185 -5.39 -11.48 10.00
C SER B 185 -6.83 -11.36 9.48
N ALA B 186 -7.41 -10.15 9.52
CA ALA B 186 -8.77 -9.86 9.06
C ALA B 186 -8.86 -10.15 7.55
N GLU B 187 -7.89 -9.67 6.76
CA GLU B 187 -7.89 -9.89 5.29
C GLU B 187 -7.90 -11.39 5.00
N ALA B 188 -7.03 -12.15 5.66
CA ALA B 188 -6.89 -13.61 5.48
C ALA B 188 -8.22 -14.28 5.83
N ALA B 189 -8.83 -13.88 6.95
CA ALA B 189 -10.07 -14.52 7.46
C ALA B 189 -11.24 -14.21 6.52
N VAL B 190 -11.33 -13.01 5.97
CA VAL B 190 -12.52 -12.70 5.10
C VAL B 190 -12.30 -13.30 3.70
N LEU B 191 -11.05 -13.44 3.24
CA LEU B 191 -10.76 -14.19 1.98
C LEU B 191 -11.13 -15.67 2.20
N CYS B 192 -10.80 -16.20 3.37
CA CYS B 192 -11.20 -17.56 3.85
C CYS B 192 -12.71 -17.71 3.70
N GLU B 193 -13.49 -16.78 4.27
CA GLU B 193 -14.97 -16.81 4.22
C GLU B 193 -15.44 -16.69 2.77
N ALA B 194 -14.86 -15.80 1.97
CA ALA B 194 -15.27 -15.55 0.56
C ALA B 194 -15.04 -16.81 -0.28
N LEU B 195 -14.05 -17.62 0.09
CA LEU B 195 -13.74 -18.91 -0.59
C LEU B 195 -14.57 -20.06 -0.02
N ASN B 196 -15.45 -19.82 0.96
CA ASN B 196 -16.32 -20.82 1.64
C ASN B 196 -15.47 -21.93 2.27
N LEU B 197 -14.36 -21.56 2.92
CA LEU B 197 -13.56 -22.45 3.78
C LEU B 197 -13.92 -22.13 5.23
N PRO B 198 -14.38 -23.09 6.06
CA PRO B 198 -14.56 -22.83 7.48
C PRO B 198 -13.24 -22.31 8.08
N PHE B 199 -13.36 -21.27 8.88
CA PHE B 199 -12.22 -20.55 9.52
C PHE B 199 -11.46 -21.51 10.44
N ASP B 200 -12.18 -22.36 11.17
CA ASP B 200 -11.64 -23.39 12.10
C ASP B 200 -10.54 -24.22 11.39
N VAL B 201 -10.76 -24.56 10.12
CA VAL B 201 -9.82 -25.36 9.29
C VAL B 201 -8.56 -24.52 9.01
N ALA B 202 -8.74 -23.27 8.59
CA ALA B 202 -7.64 -22.30 8.35
C ALA B 202 -6.77 -22.23 9.60
N VAL B 203 -7.40 -22.01 10.76
CA VAL B 203 -6.71 -21.81 12.07
C VAL B 203 -5.91 -23.08 12.42
N LYS B 204 -6.49 -24.26 12.20
CA LYS B 204 -5.81 -25.55 12.52
C LYS B 204 -4.49 -25.59 11.74
N VAL B 205 -4.55 -25.33 10.42
CA VAL B 205 -3.37 -25.33 9.51
C VAL B 205 -2.37 -24.27 9.97
N MET B 206 -2.85 -23.04 10.14
CA MET B 206 -1.97 -21.88 10.39
C MET B 206 -1.28 -22.04 11.75
N SER B 207 -1.90 -22.76 12.70
CA SER B 207 -1.34 -23.03 14.05
C SER B 207 -0.08 -23.90 13.95
N GLY B 208 0.07 -24.67 12.86
CA GLY B 208 1.25 -25.53 12.63
C GLY B 208 2.34 -24.87 11.80
N THR B 209 2.16 -23.62 11.32
CA THR B 209 3.10 -22.92 10.41
C THR B 209 3.42 -21.52 10.91
N ALA B 210 4.24 -20.79 10.16
CA ALA B 210 4.60 -19.37 10.41
C ALA B 210 3.37 -18.48 10.35
N ALA B 211 2.33 -18.87 9.61
CA ALA B 211 1.06 -18.11 9.49
C ALA B 211 0.48 -17.85 10.90
N GLY B 212 0.44 -18.86 11.77
CA GLY B 212 -0.12 -18.77 13.14
C GLY B 212 0.98 -18.59 14.19
N LYS B 213 2.17 -19.15 13.98
CA LYS B 213 3.26 -19.20 15.00
C LYS B 213 4.20 -18.01 14.80
N GLY B 214 4.13 -17.32 13.64
CA GLY B 214 5.04 -16.20 13.34
C GLY B 214 6.34 -16.70 12.75
N HIS B 215 7.12 -15.80 12.17
CA HIS B 215 8.40 -16.08 11.47
C HIS B 215 9.57 -15.92 12.44
N PHE B 216 9.40 -15.10 13.47
CA PHE B 216 10.43 -14.68 14.46
C PHE B 216 11.17 -15.91 15.00
N THR B 217 10.42 -16.97 15.30
CA THR B 217 10.94 -18.17 16.01
C THR B 217 10.86 -19.41 15.11
N THR B 218 10.41 -19.28 13.86
CA THR B 218 10.26 -20.43 12.91
C THR B 218 11.26 -20.30 11.75
N SER B 219 10.96 -19.47 10.75
CA SER B 219 11.72 -19.38 9.48
C SER B 219 12.99 -18.53 9.62
N TRP B 220 13.02 -17.60 10.59
CA TRP B 220 14.09 -16.58 10.68
C TRP B 220 15.35 -17.08 11.40
N PRO B 221 15.25 -17.80 12.54
CA PRO B 221 16.44 -18.07 13.36
C PRO B 221 17.61 -18.73 12.61
N ASN B 222 17.35 -19.76 11.79
CA ASN B 222 18.40 -20.60 11.15
C ASN B 222 18.69 -20.10 9.73
N LYS B 223 17.96 -19.08 9.25
CA LYS B 223 18.17 -18.48 7.91
C LYS B 223 18.73 -17.07 8.10
N VAL B 224 17.95 -16.02 7.86
CA VAL B 224 18.46 -14.62 7.81
C VAL B 224 19.18 -14.28 9.13
N LEU B 225 18.65 -14.66 10.29
CA LEU B 225 19.24 -14.30 11.60
C LEU B 225 20.56 -15.05 11.82
N SER B 226 20.83 -16.10 11.03
CA SER B 226 22.12 -16.86 11.03
C SER B 226 22.96 -16.48 9.81
N GLY B 227 22.56 -15.46 9.04
CA GLY B 227 23.29 -14.97 7.86
C GLY B 227 23.23 -15.95 6.69
N ASP B 228 22.30 -16.92 6.72
CA ASP B 228 22.11 -17.93 5.64
C ASP B 228 20.83 -17.58 4.88
N LEU B 229 20.97 -17.16 3.62
CA LEU B 229 19.85 -16.73 2.74
C LEU B 229 19.61 -17.80 1.67
N SER B 230 20.26 -18.95 1.78
CA SER B 230 20.00 -20.13 0.92
C SER B 230 18.53 -20.51 1.10
N PRO B 231 17.79 -20.78 0.01
CA PRO B 231 16.34 -20.89 0.09
C PRO B 231 15.83 -22.17 0.78
N ALA B 232 14.88 -22.01 1.70
CA ALA B 232 13.93 -23.05 2.11
C ALA B 232 12.63 -22.82 1.33
N PHE B 233 12.18 -21.55 1.27
CA PHE B 233 11.07 -21.07 0.42
C PHE B 233 11.52 -19.80 -0.30
N MET B 234 11.58 -19.86 -1.62
CA MET B 234 12.18 -18.79 -2.47
C MET B 234 11.23 -17.59 -2.54
N ILE B 235 11.81 -16.39 -2.52
CA ILE B 235 11.10 -15.10 -2.65
C ILE B 235 10.23 -15.10 -3.93
N ASP B 236 10.75 -15.61 -5.05
CA ASP B 236 10.00 -15.67 -6.33
C ASP B 236 8.70 -16.47 -6.16
N LEU B 237 8.76 -17.59 -5.45
CA LEU B 237 7.60 -18.48 -5.24
C LEU B 237 6.61 -17.79 -4.28
N ALA B 238 7.11 -17.25 -3.16
CA ALA B 238 6.31 -16.42 -2.23
C ALA B 238 5.61 -15.31 -3.02
N HIS B 239 6.37 -14.61 -3.87
CA HIS B 239 5.85 -13.50 -4.72
C HIS B 239 4.71 -14.02 -5.59
N LYS B 240 4.90 -15.19 -6.22
CA LYS B 240 3.91 -15.80 -7.14
C LYS B 240 2.61 -16.13 -6.36
N ASP B 241 2.74 -16.75 -5.18
CA ASP B 241 1.56 -17.15 -4.36
C ASP B 241 0.77 -15.89 -3.97
N LEU B 242 1.45 -14.81 -3.60
CA LEU B 242 0.82 -13.50 -3.27
C LEU B 242 0.01 -13.01 -4.46
N GLY B 243 0.54 -13.11 -5.67
CA GLY B 243 -0.18 -12.79 -6.92
C GLY B 243 -1.49 -13.59 -7.03
N ILE B 244 -1.44 -14.90 -6.81
CA ILE B 244 -2.68 -15.74 -6.86
C ILE B 244 -3.68 -15.21 -5.81
N ALA B 245 -3.21 -14.94 -4.61
CA ALA B 245 -4.08 -14.49 -3.49
C ALA B 245 -4.78 -13.18 -3.88
N LEU B 246 -4.04 -12.25 -4.50
CA LEU B 246 -4.58 -10.92 -4.85
C LEU B 246 -5.52 -11.04 -6.04
N ASP B 247 -5.23 -11.93 -7.00
CA ASP B 247 -6.16 -12.22 -8.12
C ASP B 247 -7.50 -12.70 -7.56
N VAL B 248 -7.46 -13.65 -6.62
CA VAL B 248 -8.67 -14.29 -6.03
C VAL B 248 -9.45 -13.21 -5.25
N ALA B 249 -8.78 -12.52 -4.31
CA ALA B 249 -9.36 -11.41 -3.53
C ALA B 249 -10.03 -10.40 -4.47
N ASN B 250 -9.35 -10.05 -5.58
CA ASN B 250 -9.87 -9.02 -6.49
C ASN B 250 -11.07 -9.58 -7.28
N GLN B 251 -11.09 -10.89 -7.60
CA GLN B 251 -12.27 -11.44 -8.33
C GLN B 251 -13.44 -11.56 -7.35
N LEU B 252 -13.19 -11.78 -6.05
CA LEU B 252 -14.26 -11.96 -5.01
C LEU B 252 -14.53 -10.65 -4.28
N HIS B 253 -13.89 -9.55 -4.70
CA HIS B 253 -13.95 -8.20 -4.09
C HIS B 253 -13.81 -8.27 -2.55
N VAL B 254 -12.77 -8.93 -2.07
CA VAL B 254 -12.27 -8.71 -0.68
C VAL B 254 -11.07 -7.77 -0.79
N PRO B 255 -11.21 -6.49 -0.38
CA PRO B 255 -10.09 -5.55 -0.38
C PRO B 255 -9.01 -6.04 0.58
N MET B 256 -7.77 -6.09 0.10
CA MET B 256 -6.63 -6.59 0.90
C MET B 256 -5.49 -5.60 0.78
N PRO B 257 -5.63 -4.40 1.37
CA PRO B 257 -4.60 -3.38 1.27
C PRO B 257 -3.23 -3.87 1.78
N LEU B 258 -3.18 -4.64 2.87
CA LEU B 258 -1.87 -5.13 3.41
C LEU B 258 -1.25 -6.15 2.44
N GLY B 259 -2.04 -7.08 1.92
CA GLY B 259 -1.57 -8.02 0.90
C GLY B 259 -0.99 -7.31 -0.30
N ALA B 260 -1.73 -6.33 -0.83
CA ALA B 260 -1.37 -5.54 -2.02
C ALA B 260 -0.03 -4.83 -1.78
N ALA B 261 0.12 -4.18 -0.64
CA ALA B 261 1.37 -3.50 -0.25
C ALA B 261 2.50 -4.53 -0.16
N SER B 262 2.23 -5.68 0.45
CA SER B 262 3.25 -6.72 0.73
C SER B 262 3.79 -7.27 -0.59
N ARG B 263 2.94 -7.38 -1.61
CA ARG B 263 3.43 -7.93 -2.89
C ARG B 263 4.45 -6.96 -3.49
N GLU B 264 4.23 -5.65 -3.33
CA GLU B 264 5.14 -4.62 -3.93
C GLU B 264 6.47 -4.63 -3.15
N VAL B 265 6.46 -5.06 -1.89
CA VAL B 265 7.69 -5.23 -1.07
C VAL B 265 8.48 -6.43 -1.63
N TYR B 266 7.80 -7.56 -1.87
CA TYR B 266 8.40 -8.75 -2.50
C TYR B 266 8.94 -8.36 -3.88
N SER B 267 8.19 -7.56 -4.63
CA SER B 267 8.58 -7.08 -5.98
C SER B 267 9.89 -6.30 -5.86
N GLN B 268 10.02 -5.45 -4.85
CA GLN B 268 11.27 -4.69 -4.61
C GLN B 268 12.43 -5.66 -4.34
N ALA B 269 12.16 -6.73 -3.59
CA ALA B 269 13.18 -7.76 -3.26
C ALA B 269 13.63 -8.45 -4.54
N ARG B 270 12.70 -8.69 -5.48
CA ARG B 270 13.03 -9.31 -6.78
C ARG B 270 13.89 -8.36 -7.60
N ALA B 271 13.49 -7.09 -7.69
CA ALA B 271 14.23 -6.03 -8.42
C ALA B 271 15.68 -5.96 -7.92
N ALA B 272 15.89 -6.20 -6.62
CA ALA B 272 17.22 -6.07 -5.97
C ALA B 272 18.06 -7.36 -6.13
N GLY B 273 17.51 -8.39 -6.79
CA GLY B 273 18.21 -9.65 -7.10
C GLY B 273 18.06 -10.72 -6.01
N ARG B 274 16.99 -10.68 -5.22
CA ARG B 274 16.81 -11.61 -4.06
C ARG B 274 15.83 -12.72 -4.42
N GLY B 275 15.41 -12.83 -5.69
CA GLY B 275 14.35 -13.76 -6.15
C GLY B 275 14.59 -15.19 -5.72
N ARG B 276 15.85 -15.65 -5.71
CA ARG B 276 16.19 -17.08 -5.44
C ARG B 276 16.65 -17.23 -3.99
N GLN B 277 16.68 -16.14 -3.23
CA GLN B 277 16.97 -16.18 -1.76
C GLN B 277 15.74 -16.73 -1.00
N ASP B 278 15.99 -17.16 0.24
CA ASP B 278 14.93 -17.60 1.19
C ASP B 278 14.01 -16.40 1.48
N TRP B 279 12.72 -16.65 1.72
CA TRP B 279 11.75 -15.59 2.07
C TRP B 279 12.21 -14.80 3.30
N SER B 280 12.97 -15.38 4.24
CA SER B 280 13.50 -14.65 5.41
C SER B 280 14.37 -13.47 4.97
N ALA B 281 14.84 -13.46 3.72
CA ALA B 281 15.70 -12.39 3.17
C ALA B 281 14.90 -11.09 3.04
N ILE B 282 13.57 -11.15 3.07
CA ILE B 282 12.72 -9.92 3.11
C ILE B 282 13.22 -9.02 4.25
N LEU B 283 13.61 -9.60 5.39
CA LEU B 283 14.16 -8.81 6.54
C LEU B 283 15.32 -7.96 6.03
N GLU B 284 16.27 -8.57 5.31
CA GLU B 284 17.48 -7.88 4.79
C GLU B 284 17.07 -6.77 3.83
N GLN B 285 16.08 -7.04 2.96
CA GLN B 285 15.53 -6.04 2.01
C GLN B 285 14.97 -4.83 2.77
N VAL B 286 14.22 -5.04 3.86
CA VAL B 286 13.61 -3.92 4.62
C VAL B 286 14.72 -3.16 5.34
N ARG B 287 15.78 -3.86 5.79
CA ARG B 287 16.97 -3.20 6.41
C ARG B 287 17.63 -2.28 5.37
N VAL B 288 17.89 -2.76 4.16
CA VAL B 288 18.51 -1.96 3.05
C VAL B 288 17.59 -0.76 2.78
N SER B 289 16.29 -1.01 2.62
CA SER B 289 15.26 0.04 2.36
C SER B 289 15.33 1.14 3.42
N ALA B 290 15.69 0.80 4.67
CA ALA B 290 15.79 1.76 5.79
C ALA B 290 17.20 2.37 5.87
N GLY B 291 18.07 2.12 4.89
CA GLY B 291 19.43 2.70 4.85
C GLY B 291 20.37 2.09 5.89
N MET B 292 20.13 0.85 6.30
CA MET B 292 21.07 0.05 7.13
C MET B 292 21.99 -0.77 6.21
N THR B 293 23.08 -1.34 6.74
CA THR B 293 24.01 -2.26 6.02
C THR B 293 23.60 -3.73 6.19
N ALA B 294 24.39 -4.66 5.66
CA ALA B 294 24.22 -6.14 5.74
C ALA B 294 24.09 -6.63 7.18
N ALA C 2 7.09 49.76 4.11
CA ALA C 2 6.70 49.41 5.48
C ALA C 2 7.88 48.77 6.21
N ALA C 3 7.80 48.75 7.54
CA ALA C 3 8.75 48.07 8.43
C ALA C 3 8.28 46.63 8.62
N ILE C 4 9.10 45.70 8.12
CA ILE C 4 8.79 44.23 8.13
C ILE C 4 9.87 43.48 8.91
N ALA C 5 9.46 42.59 9.80
CA ALA C 5 10.33 41.56 10.41
C ALA C 5 10.16 40.26 9.60
N PHE C 6 11.26 39.67 9.15
CA PHE C 6 11.26 38.39 8.38
C PHE C 6 12.14 37.38 9.08
N ILE C 7 11.52 36.33 9.62
CA ILE C 7 12.21 35.25 10.37
C ILE C 7 12.09 33.96 9.57
N GLY C 8 13.24 33.44 9.11
CA GLY C 8 13.37 32.25 8.26
C GLY C 8 13.82 32.63 6.87
N LEU C 9 15.13 32.50 6.59
CA LEU C 9 15.77 32.94 5.33
C LEU C 9 16.22 31.72 4.51
N GLY C 10 15.38 30.68 4.43
CA GLY C 10 15.68 29.40 3.74
C GLY C 10 15.50 29.51 2.23
N GLN C 11 15.25 28.37 1.57
CA GLN C 11 15.09 28.26 0.09
C GLN C 11 13.92 29.16 -0.35
N MET C 12 12.91 29.32 0.51
CA MET C 12 11.72 30.18 0.28
C MET C 12 11.93 31.56 0.92
N GLY C 13 12.27 31.57 2.20
CA GLY C 13 12.40 32.79 3.00
C GLY C 13 13.31 33.81 2.34
N SER C 14 14.49 33.38 1.91
CA SER C 14 15.59 34.27 1.45
C SER C 14 15.10 35.08 0.26
N PRO C 15 14.69 34.46 -0.89
CA PRO C 15 14.24 35.24 -2.04
C PRO C 15 12.96 36.05 -1.80
N MET C 16 12.07 35.58 -0.91
CA MET C 16 10.82 36.28 -0.57
C MET C 16 11.19 37.61 0.10
N ALA C 17 12.03 37.57 1.12
CA ALA C 17 12.56 38.73 1.85
C ALA C 17 13.31 39.63 0.86
N SER C 18 14.07 39.06 -0.06
CA SER C 18 14.83 39.79 -1.12
C SER C 18 13.85 40.59 -2.00
N ASN C 19 12.70 40.00 -2.34
CA ASN C 19 11.69 40.68 -3.18
C ASN C 19 11.04 41.81 -2.38
N LEU C 20 10.85 41.65 -1.06
CA LEU C 20 10.30 42.72 -0.18
C LEU C 20 11.25 43.94 -0.18
N LEU C 21 12.57 43.72 -0.04
CA LEU C 21 13.62 44.79 -0.08
C LEU C 21 13.62 45.49 -1.44
N GLN C 22 13.58 44.70 -2.53
CA GLN C 22 13.54 45.17 -3.94
C GLN C 22 12.34 46.12 -4.14
N GLN C 23 11.25 45.90 -3.40
CA GLN C 23 10.00 46.72 -3.41
C GLN C 23 10.09 47.83 -2.37
N GLY C 24 11.28 48.10 -1.82
CA GLY C 24 11.57 49.34 -1.05
C GLY C 24 11.04 49.29 0.38
N HIS C 25 10.72 48.10 0.88
CA HIS C 25 10.39 47.87 2.31
C HIS C 25 11.69 47.81 3.11
N GLN C 26 11.60 48.10 4.41
CA GLN C 26 12.70 48.01 5.39
C GLN C 26 12.55 46.68 6.15
N LEU C 27 13.52 45.78 6.00
CA LEU C 27 13.46 44.43 6.61
C LEU C 27 14.47 44.29 7.75
N ARG C 28 13.98 43.91 8.93
CA ARG C 28 14.75 43.30 10.04
C ARG C 28 14.68 41.77 9.86
N VAL C 29 15.81 41.12 9.58
CA VAL C 29 15.84 39.66 9.25
C VAL C 29 16.55 38.89 10.38
N PHE C 30 16.00 37.73 10.74
CA PHE C 30 16.63 36.74 11.64
C PHE C 30 16.52 35.33 11.05
N ASP C 31 17.56 34.52 11.31
CA ASP C 31 17.67 33.08 10.94
C ASP C 31 18.78 32.48 11.80
N VAL C 32 18.71 31.19 12.14
CA VAL C 32 19.77 30.55 12.98
C VAL C 32 21.07 30.42 12.16
N ASN C 33 20.99 30.43 10.83
CA ASN C 33 22.15 30.47 9.89
C ASN C 33 22.55 31.93 9.63
N ALA C 34 23.67 32.39 10.20
CA ALA C 34 24.17 33.78 10.13
C ALA C 34 24.58 34.12 8.69
N GLU C 35 24.92 33.13 7.86
CA GLU C 35 25.31 33.34 6.45
C GLU C 35 24.06 33.78 5.67
N ALA C 36 22.89 33.20 5.97
CA ALA C 36 21.60 33.57 5.35
C ALA C 36 21.26 35.02 5.74
N VAL C 37 21.41 35.36 7.02
CA VAL C 37 21.27 36.76 7.52
C VAL C 37 22.16 37.66 6.64
N ARG C 38 23.43 37.30 6.46
CA ARG C 38 24.48 38.10 5.77
C ARG C 38 24.07 38.36 4.30
N HIS C 39 23.50 37.37 3.60
CA HIS C 39 23.10 37.48 2.17
C HIS C 39 22.03 38.57 2.01
N LEU C 40 21.08 38.66 2.96
CA LEU C 40 19.99 39.67 2.90
C LEU C 40 20.49 41.05 3.37
N VAL C 41 21.48 41.08 4.29
CA VAL C 41 22.11 42.36 4.78
C VAL C 41 22.83 43.03 3.61
N ASP C 42 23.53 42.25 2.78
CA ASP C 42 24.19 42.72 1.54
C ASP C 42 23.17 43.45 0.66
N LYS C 43 21.92 42.98 0.67
CA LYS C 43 20.82 43.44 -0.25
C LYS C 43 19.96 44.51 0.46
N GLY C 44 20.37 44.95 1.66
CA GLY C 44 19.83 46.16 2.32
C GLY C 44 19.17 45.88 3.66
N ALA C 45 18.96 44.61 4.01
CA ALA C 45 18.28 44.21 5.26
C ALA C 45 19.11 44.63 6.47
N THR C 46 18.43 45.04 7.53
CA THR C 46 18.94 45.20 8.92
C THR C 46 19.02 43.82 9.58
N PRO C 47 20.18 43.34 10.06
CA PRO C 47 20.23 42.07 10.81
C PRO C 47 19.70 42.32 12.23
N ALA C 48 19.06 41.30 12.82
CA ALA C 48 18.58 41.28 14.22
C ALA C 48 19.19 40.06 14.92
N ALA C 49 19.51 40.19 16.21
CA ALA C 49 20.17 39.14 17.02
C ALA C 49 19.17 38.02 17.34
N ASN C 50 17.86 38.31 17.28
CA ASN C 50 16.81 37.34 17.65
C ASN C 50 15.44 37.86 17.18
N PRO C 51 14.39 37.01 17.22
CA PRO C 51 13.04 37.43 16.84
C PRO C 51 12.50 38.71 17.49
N ALA C 52 12.70 38.85 18.79
CA ALA C 52 12.27 40.03 19.58
C ALA C 52 12.75 41.31 18.89
N GLN C 53 14.07 41.40 18.67
CA GLN C 53 14.74 42.59 18.08
C GLN C 53 14.14 42.82 16.68
N ALA C 54 14.02 41.74 15.90
CA ALA C 54 13.46 41.78 14.54
C ALA C 54 12.08 42.45 14.59
N ALA C 55 11.25 42.11 15.60
CA ALA C 55 9.83 42.49 15.73
C ALA C 55 9.65 43.93 16.22
N LYS C 56 10.62 44.50 16.95
CA LYS C 56 10.55 45.86 17.55
C LYS C 56 10.13 46.87 16.47
N ASP C 57 8.95 47.47 16.63
CA ASP C 57 8.42 48.58 15.79
C ASP C 57 8.30 48.13 14.32
N ALA C 58 7.97 46.85 14.08
CA ALA C 58 7.60 46.32 12.76
C ALA C 58 6.07 46.34 12.65
N GLU C 59 5.55 46.73 11.49
CA GLU C 59 4.08 46.69 11.21
C GLU C 59 3.68 45.26 10.83
N PHE C 60 4.55 44.56 10.10
CA PHE C 60 4.34 43.18 9.59
C PHE C 60 5.48 42.26 10.06
N ILE C 61 5.11 41.15 10.69
CA ILE C 61 6.05 40.07 11.10
C ILE C 61 5.75 38.88 10.19
N ILE C 62 6.73 38.45 9.39
CA ILE C 62 6.60 37.25 8.51
C ILE C 62 7.48 36.15 9.06
N THR C 63 6.92 34.97 9.24
CA THR C 63 7.65 33.72 9.56
C THR C 63 7.57 32.79 8.36
N MET C 64 8.71 32.20 7.97
CA MET C 64 8.80 31.17 6.92
C MET C 64 9.74 30.07 7.42
N LEU C 65 9.21 29.10 8.17
CA LEU C 65 9.98 28.08 8.90
C LEU C 65 9.49 26.68 8.52
N PRO C 66 10.32 25.63 8.78
CA PRO C 66 10.02 24.25 8.39
C PRO C 66 8.84 23.57 9.09
N ASN C 67 8.49 23.97 10.31
CA ASN C 67 7.42 23.30 11.11
C ASN C 67 6.84 24.25 12.17
N GLY C 68 5.69 23.86 12.70
CA GLY C 68 4.85 24.65 13.63
C GLY C 68 5.46 24.79 15.01
N ASP C 69 6.42 23.93 15.38
CA ASP C 69 7.14 24.00 16.68
C ASP C 69 8.12 25.18 16.63
N LEU C 70 8.92 25.25 15.56
CA LEU C 70 9.92 26.33 15.31
C LEU C 70 9.19 27.66 15.16
N VAL C 71 7.98 27.66 14.59
CA VAL C 71 7.14 28.89 14.49
C VAL C 71 6.78 29.33 15.91
N ARG C 72 6.31 28.42 16.76
CA ARG C 72 5.91 28.73 18.17
C ARG C 72 7.13 29.23 18.95
N ASN C 73 8.28 28.55 18.83
CA ASN C 73 9.53 28.90 19.56
C ASN C 73 10.09 30.24 19.07
N VAL C 74 9.72 30.68 17.86
CA VAL C 74 10.15 31.97 17.26
C VAL C 74 9.18 33.08 17.68
N LEU C 75 7.92 32.74 17.96
CA LEU C 75 6.89 33.72 18.40
C LEU C 75 6.86 33.83 19.93
N PHE C 76 6.94 32.72 20.66
CA PHE C 76 6.64 32.65 22.12
C PHE C 76 7.86 32.25 22.97
N GLY C 77 9.01 31.95 22.35
CA GLY C 77 10.20 31.42 23.06
C GLY C 77 11.08 32.50 23.68
N GLU C 78 12.20 32.11 24.30
CA GLU C 78 13.21 33.03 24.90
C GLU C 78 13.67 34.03 23.83
N ASN C 79 13.45 35.32 24.06
CA ASN C 79 13.67 36.41 23.06
C ASN C 79 12.80 36.14 21.83
N GLY C 80 11.50 35.96 22.06
CA GLY C 80 10.49 35.68 21.02
C GLY C 80 9.92 36.96 20.43
N VAL C 81 9.13 36.83 19.36
CA VAL C 81 8.48 37.95 18.62
C VAL C 81 7.51 38.68 19.56
N CYS C 82 6.78 37.93 20.40
CA CYS C 82 5.77 38.47 21.33
C CYS C 82 6.42 39.51 22.26
N GLU C 83 7.68 39.31 22.65
CA GLU C 83 8.45 40.22 23.55
C GLU C 83 8.66 41.60 22.89
N GLY C 84 8.70 41.66 21.55
CA GLY C 84 8.98 42.92 20.79
C GLY C 84 7.81 43.37 19.91
N LEU C 85 6.67 42.68 19.97
CA LEU C 85 5.51 42.87 19.07
C LEU C 85 4.60 43.96 19.67
N SER C 86 4.01 44.79 18.81
CA SER C 86 2.95 45.77 19.16
C SER C 86 1.58 45.15 18.89
N THR C 87 0.55 45.57 19.64
CA THR C 87 -0.88 45.25 19.42
C THR C 87 -1.36 45.79 18.06
N ASP C 88 -0.58 46.66 17.42
CA ASP C 88 -0.92 47.34 16.12
C ASP C 88 -0.38 46.54 14.93
N ALA C 89 0.58 45.62 15.15
CA ALA C 89 1.26 44.89 14.04
C ALA C 89 0.40 43.72 13.55
N LEU C 90 0.79 43.13 12.43
CA LEU C 90 0.14 41.94 11.82
C LEU C 90 1.19 40.86 11.58
N VAL C 91 1.03 39.70 12.25
CA VAL C 91 1.90 38.50 12.09
C VAL C 91 1.34 37.66 10.93
N ILE C 92 2.17 37.36 9.94
CA ILE C 92 1.83 36.52 8.75
C ILE C 92 2.74 35.30 8.77
N ASP C 93 2.23 34.15 9.21
CA ASP C 93 2.92 32.83 9.04
C ASP C 93 2.63 32.33 7.62
N MET C 94 3.69 32.25 6.81
CA MET C 94 3.63 31.75 5.42
C MET C 94 4.18 30.32 5.36
N SER C 95 4.41 29.70 6.53
CA SER C 95 4.98 28.34 6.68
C SER C 95 3.95 27.27 6.31
N THR C 96 4.41 26.10 5.90
CA THR C 96 3.57 24.89 5.82
C THR C 96 3.69 24.16 7.16
N ILE C 97 2.67 24.29 8.01
CA ILE C 97 2.61 23.61 9.32
C ILE C 97 1.22 22.97 9.45
N HIS C 98 1.01 22.28 10.56
CA HIS C 98 -0.24 21.56 10.88
C HIS C 98 -1.33 22.61 11.03
N PRO C 99 -2.48 22.50 10.32
CA PRO C 99 -3.57 23.46 10.45
C PRO C 99 -3.98 23.74 11.91
N LEU C 100 -4.10 22.69 12.72
CA LEU C 100 -4.45 22.82 14.16
C LEU C 100 -3.35 23.60 14.89
N GLN C 101 -2.08 23.47 14.48
CA GLN C 101 -0.97 24.29 15.07
C GLN C 101 -1.19 25.77 14.72
N THR C 102 -1.60 26.06 13.49
CA THR C 102 -1.95 27.43 13.01
C THR C 102 -3.12 27.99 13.83
N ASP C 103 -4.23 27.27 13.95
CA ASP C 103 -5.44 27.65 14.74
C ASP C 103 -5.02 28.03 16.18
N LYS C 104 -4.17 27.22 16.81
CA LYS C 104 -3.73 27.42 18.22
C LYS C 104 -2.87 28.68 18.30
N LEU C 105 -1.99 28.89 17.32
CA LEU C 105 -1.08 30.07 17.29
C LEU C 105 -1.89 31.35 17.08
N ILE C 106 -2.90 31.33 16.20
CA ILE C 106 -3.75 32.51 15.89
C ILE C 106 -4.55 32.88 17.14
N ALA C 107 -4.97 31.89 17.93
CA ALA C 107 -5.78 32.05 19.15
C ALA C 107 -4.89 32.54 20.31
N ASP C 108 -3.70 31.97 20.46
CA ASP C 108 -2.73 32.29 21.54
C ASP C 108 -2.15 33.70 21.30
N MET C 109 -2.17 34.19 20.06
CA MET C 109 -1.78 35.59 19.71
C MET C 109 -3.00 36.52 19.83
N GLN C 110 -4.21 36.05 19.53
CA GLN C 110 -5.49 36.81 19.73
C GLN C 110 -5.77 36.96 21.23
N ALA C 111 -5.26 36.03 22.05
CA ALA C 111 -5.42 36.01 23.54
C ALA C 111 -4.58 37.14 24.16
N LYS C 112 -3.45 37.50 23.55
CA LYS C 112 -2.50 38.51 24.09
C LYS C 112 -2.68 39.86 23.35
N GLY C 113 -3.76 40.04 22.59
CA GLY C 113 -4.06 41.32 21.90
C GLY C 113 -3.42 41.47 20.52
N PHE C 114 -2.62 40.48 20.09
CA PHE C 114 -1.90 40.48 18.79
C PHE C 114 -2.78 39.89 17.67
N SER C 115 -2.52 40.29 16.42
CA SER C 115 -3.21 39.82 15.19
C SER C 115 -2.29 38.90 14.38
N MET C 116 -2.76 37.70 14.02
CA MET C 116 -2.00 36.68 13.26
C MET C 116 -2.88 36.07 12.15
N MET C 117 -2.32 35.93 10.96
CA MET C 117 -3.00 35.32 9.78
C MET C 117 -2.04 34.31 9.12
N ASP C 118 -2.63 33.31 8.45
CA ASP C 118 -1.91 32.21 7.74
C ASP C 118 -1.94 32.53 6.25
N VAL C 119 -0.77 32.78 5.66
CA VAL C 119 -0.64 32.94 4.17
C VAL C 119 0.50 32.05 3.71
N PRO C 120 0.28 30.72 3.67
CA PRO C 120 1.22 29.80 3.03
C PRO C 120 1.21 30.05 1.53
N VAL C 121 2.19 29.52 0.81
CA VAL C 121 2.33 29.78 -0.66
C VAL C 121 2.35 28.45 -1.41
N GLY C 122 1.77 28.43 -2.60
CA GLY C 122 1.87 27.35 -3.58
C GLY C 122 3.02 27.64 -4.53
N ARG C 123 3.48 26.60 -5.22
CA ARG C 123 4.67 26.61 -6.12
C ARG C 123 5.95 26.56 -5.28
N THR C 124 7.09 26.37 -5.96
CA THR C 124 8.39 26.00 -5.38
C THR C 124 9.29 27.24 -5.28
N SER C 125 10.55 27.02 -4.89
CA SER C 125 11.57 28.06 -4.62
C SER C 125 12.00 28.75 -5.92
N ALA C 126 11.84 28.10 -7.07
CA ALA C 126 12.01 28.74 -8.41
C ALA C 126 11.05 29.94 -8.54
N ASN C 127 9.83 29.80 -8.04
CA ASN C 127 8.76 30.83 -8.11
C ASN C 127 8.94 31.87 -7.01
N ALA C 128 9.50 31.47 -5.87
CA ALA C 128 9.88 32.39 -4.77
C ALA C 128 10.89 33.40 -5.31
N ILE C 129 11.86 32.91 -6.08
CA ILE C 129 12.96 33.71 -6.69
C ILE C 129 12.36 34.76 -7.60
N THR C 130 11.44 34.37 -8.49
CA THR C 130 10.83 35.25 -9.53
C THR C 130 9.61 36.01 -8.99
N GLY C 131 9.24 35.80 -7.73
CA GLY C 131 8.11 36.49 -7.08
C GLY C 131 6.79 36.09 -7.70
N THR C 132 6.66 34.83 -8.16
CA THR C 132 5.47 34.30 -8.85
C THR C 132 4.84 33.17 -8.01
N LEU C 133 4.99 33.22 -6.69
CA LEU C 133 4.31 32.27 -5.77
C LEU C 133 2.79 32.45 -5.89
N LEU C 134 2.05 31.38 -5.62
CA LEU C 134 0.59 31.40 -5.45
C LEU C 134 0.34 31.70 -3.97
N LEU C 135 -0.27 32.84 -3.66
CA LEU C 135 -0.45 33.29 -2.26
C LEU C 135 -1.80 32.78 -1.77
N LEU C 136 -1.80 31.97 -0.71
CA LEU C 136 -2.99 31.24 -0.21
C LEU C 136 -3.41 31.94 1.07
N ALA C 137 -4.21 33.01 0.92
CA ALA C 137 -4.46 34.02 1.96
C ALA C 137 -5.58 33.52 2.87
N GLY C 138 -5.21 33.02 4.04
CA GLY C 138 -6.12 32.85 5.17
C GLY C 138 -6.24 34.16 5.93
N GLY C 139 -6.84 34.12 7.12
CA GLY C 139 -7.16 35.30 7.94
C GLY C 139 -8.44 35.96 7.47
N THR C 140 -8.86 37.02 8.18
CA THR C 140 -10.07 37.84 7.86
C THR C 140 -9.83 38.59 6.55
N ALA C 141 -10.92 38.90 5.84
CA ALA C 141 -10.91 39.74 4.61
C ALA C 141 -10.17 41.06 4.87
N GLU C 142 -10.33 41.66 6.06
CA GLU C 142 -9.64 42.89 6.49
C GLU C 142 -8.13 42.64 6.54
N GLN C 143 -7.70 41.56 7.22
CA GLN C 143 -6.28 41.16 7.34
C GLN C 143 -5.69 40.94 5.94
N VAL C 144 -6.45 40.33 5.03
CA VAL C 144 -5.99 40.03 3.63
C VAL C 144 -5.80 41.35 2.88
N GLU C 145 -6.74 42.30 3.02
CA GLU C 145 -6.66 43.65 2.39
C GLU C 145 -5.41 44.34 2.95
N ARG C 146 -5.23 44.33 4.26
CA ARG C 146 -4.11 45.02 4.94
C ARG C 146 -2.78 44.44 4.42
N ALA C 147 -2.68 43.11 4.26
CA ALA C 147 -1.42 42.39 3.96
C ALA C 147 -1.15 42.35 2.46
N THR C 148 -2.18 42.49 1.62
CA THR C 148 -2.11 42.22 0.15
C THR C 148 -0.96 42.98 -0.49
N PRO C 149 -0.76 44.29 -0.23
CA PRO C 149 0.34 45.02 -0.88
C PRO C 149 1.74 44.43 -0.59
N ILE C 150 2.00 44.04 0.67
CA ILE C 150 3.24 43.30 1.09
C ILE C 150 3.33 41.95 0.34
N LEU C 151 2.24 41.18 0.32
CA LEU C 151 2.17 39.80 -0.23
C LEU C 151 2.46 39.79 -1.72
N MET C 152 1.98 40.80 -2.45
CA MET C 152 2.05 40.86 -3.93
C MET C 152 3.49 41.16 -4.38
N ALA C 153 4.42 41.43 -3.45
CA ALA C 153 5.86 41.58 -3.73
C ALA C 153 6.54 40.20 -3.80
N MET C 154 5.89 39.16 -3.23
CA MET C 154 6.46 37.80 -3.11
C MET C 154 5.74 36.83 -4.06
N GLY C 155 4.48 37.10 -4.43
CA GLY C 155 3.66 36.24 -5.32
C GLY C 155 2.94 37.03 -6.40
N SER C 156 2.52 36.33 -7.45
CA SER C 156 1.91 36.91 -8.68
C SER C 156 0.39 36.80 -8.63
N GLU C 157 -0.16 35.94 -7.77
CA GLU C 157 -1.62 35.77 -7.63
C GLU C 157 -1.95 35.46 -6.17
N LEU C 158 -3.09 35.94 -5.72
CA LEU C 158 -3.60 35.74 -4.34
C LEU C 158 -4.96 35.07 -4.45
N ILE C 159 -5.21 34.09 -3.59
CA ILE C 159 -6.52 33.40 -3.50
C ILE C 159 -7.03 33.60 -2.08
N ASN C 160 -8.22 34.19 -1.95
CA ASN C 160 -8.84 34.39 -0.63
C ASN C 160 -9.39 33.03 -0.21
N ALA C 161 -8.71 32.39 0.75
CA ALA C 161 -9.05 31.04 1.28
C ALA C 161 -10.34 31.10 2.10
N GLY C 162 -10.72 32.29 2.57
CA GLY C 162 -12.06 32.59 3.11
C GLY C 162 -12.13 32.41 4.61
N GLY C 163 -11.06 32.73 5.35
CA GLY C 163 -11.13 32.82 6.83
C GLY C 163 -9.80 32.49 7.51
N PRO C 164 -9.65 32.77 8.82
CA PRO C 164 -8.50 32.30 9.59
C PRO C 164 -8.34 30.78 9.48
N GLY C 165 -7.12 30.32 9.15
CA GLY C 165 -6.75 28.89 9.10
C GLY C 165 -7.12 28.22 7.78
N MET C 166 -7.83 28.93 6.89
CA MET C 166 -8.29 28.36 5.60
C MET C 166 -7.15 28.41 4.61
N GLY C 167 -6.14 29.26 4.87
CA GLY C 167 -4.93 29.38 4.03
C GLY C 167 -4.12 28.10 4.12
N ILE C 168 -3.77 27.71 5.34
CA ILE C 168 -2.99 26.46 5.62
C ILE C 168 -3.81 25.23 5.20
N ARG C 169 -5.12 25.27 5.34
CA ARG C 169 -6.01 24.12 4.97
C ARG C 169 -5.90 23.88 3.46
N VAL C 170 -6.05 24.92 2.63
CA VAL C 170 -6.02 24.73 1.15
C VAL C 170 -4.58 24.42 0.73
N LYS C 171 -3.59 24.94 1.45
CA LYS C 171 -2.16 24.57 1.24
C LYS C 171 -1.99 23.06 1.45
N LEU C 172 -2.53 22.50 2.52
CA LEU C 172 -2.42 21.05 2.85
C LEU C 172 -3.05 20.20 1.73
N ILE C 173 -4.25 20.54 1.26
CA ILE C 173 -4.97 19.83 0.16
C ILE C 173 -4.07 19.86 -1.08
N ASN C 174 -3.61 21.06 -1.46
CA ASN C 174 -2.74 21.25 -2.64
C ASN C 174 -1.47 20.38 -2.48
N ASN C 175 -0.81 20.46 -1.33
CA ASN C 175 0.50 19.80 -1.08
C ASN C 175 0.29 18.30 -0.99
N TYR C 176 -0.77 17.87 -0.34
CA TYR C 176 -1.09 16.43 -0.32
C TYR C 176 -1.14 15.93 -1.76
N MET C 177 -2.00 16.57 -2.55
CA MET C 177 -2.24 16.17 -3.96
C MET C 177 -0.89 16.15 -4.70
N SER C 178 -0.12 17.24 -4.66
CA SER C 178 1.07 17.38 -5.53
C SER C 178 2.16 16.40 -5.07
N ILE C 179 2.32 16.20 -3.76
CA ILE C 179 3.42 15.37 -3.22
C ILE C 179 3.15 13.90 -3.56
N ALA C 180 1.92 13.43 -3.33
CA ALA C 180 1.51 12.05 -3.60
C ALA C 180 1.53 11.81 -5.12
N LEU C 181 1.05 12.78 -5.90
CA LEU C 181 1.00 12.68 -7.39
C LEU C 181 2.41 12.44 -7.93
N ASN C 182 3.41 13.06 -7.32
CA ASN C 182 4.82 12.92 -7.75
C ASN C 182 5.18 11.42 -7.67
N ALA C 183 4.80 10.75 -6.58
CA ALA C 183 5.06 9.32 -6.31
C ALA C 183 4.36 8.46 -7.36
N LEU C 184 3.10 8.80 -7.66
CA LEU C 184 2.31 8.04 -8.66
C LEU C 184 2.93 8.24 -10.03
N SER C 185 3.25 9.49 -10.37
CA SER C 185 3.86 9.84 -11.69
C SER C 185 5.13 9.03 -11.89
N ALA C 186 5.92 8.85 -10.83
CA ALA C 186 7.17 8.06 -10.84
C ALA C 186 6.86 6.61 -11.21
N GLU C 187 5.83 6.01 -10.60
CA GLU C 187 5.46 4.59 -10.87
C GLU C 187 5.14 4.46 -12.36
N ALA C 188 4.33 5.37 -12.91
CA ALA C 188 3.90 5.33 -14.32
C ALA C 188 5.15 5.45 -15.21
N ALA C 189 6.05 6.38 -14.90
CA ALA C 189 7.24 6.66 -15.71
C ALA C 189 8.21 5.47 -15.68
N VAL C 190 8.39 4.81 -14.52
CA VAL C 190 9.32 3.66 -14.42
C VAL C 190 8.71 2.41 -15.09
N LEU C 191 7.39 2.23 -15.02
CA LEU C 191 6.71 1.12 -15.75
C LEU C 191 6.89 1.37 -17.25
N CYS C 192 6.72 2.62 -17.67
CA CYS C 192 7.01 3.10 -19.05
C CYS C 192 8.42 2.66 -19.48
N GLU C 193 9.45 2.99 -18.70
CA GLU C 193 10.86 2.63 -18.97
C GLU C 193 11.02 1.11 -19.00
N ALA C 194 10.43 0.37 -18.05
CA ALA C 194 10.56 -1.11 -17.96
C ALA C 194 9.97 -1.77 -19.20
N LEU C 195 8.94 -1.15 -19.79
CA LEU C 195 8.28 -1.65 -21.02
C LEU C 195 8.99 -1.15 -22.29
N ASN C 196 10.07 -0.37 -22.16
CA ASN C 196 10.90 0.16 -23.28
C ASN C 196 10.05 1.03 -24.19
N LEU C 197 9.15 1.84 -23.62
CA LEU C 197 8.33 2.85 -24.33
C LEU C 197 8.95 4.20 -24.06
N PRO C 198 9.34 5.00 -25.08
CA PRO C 198 9.84 6.35 -24.82
C PRO C 198 8.81 7.13 -23.99
N PHE C 199 9.27 7.82 -22.97
CA PHE C 199 8.46 8.58 -22.00
C PHE C 199 7.71 9.71 -22.75
N ASP C 200 8.38 10.36 -23.71
CA ASP C 200 7.83 11.51 -24.49
C ASP C 200 6.54 11.05 -25.21
N VAL C 201 6.48 9.79 -25.64
CA VAL C 201 5.27 9.21 -26.31
C VAL C 201 4.14 9.06 -25.28
N ALA C 202 4.45 8.52 -24.11
CA ALA C 202 3.51 8.37 -22.98
C ALA C 202 2.92 9.75 -22.65
N VAL C 203 3.80 10.74 -22.48
CA VAL C 203 3.42 12.15 -22.10
C VAL C 203 2.50 12.75 -23.17
N LYS C 204 2.77 12.52 -24.46
CA LYS C 204 1.95 13.06 -25.57
C LYS C 204 0.52 12.55 -25.37
N VAL C 205 0.38 11.24 -25.18
CA VAL C 205 -0.95 10.58 -25.00
C VAL C 205 -1.62 11.12 -23.72
N MET C 206 -0.88 11.11 -22.62
CA MET C 206 -1.42 11.46 -21.28
C MET C 206 -1.84 12.93 -21.27
N SER C 207 -1.22 13.78 -22.08
CA SER C 207 -1.54 15.24 -22.21
C SER C 207 -2.95 15.43 -22.80
N GLY C 208 -3.47 14.43 -23.54
CA GLY C 208 -4.83 14.46 -24.11
C GLY C 208 -5.89 13.80 -23.24
N THR C 209 -5.54 13.26 -22.06
CA THR C 209 -6.48 12.53 -21.15
C THR C 209 -6.36 13.06 -19.72
N ALA C 210 -7.13 12.47 -18.81
CA ALA C 210 -7.12 12.75 -17.35
C ALA C 210 -5.74 12.41 -16.75
N ALA C 211 -4.97 11.52 -17.37
CA ALA C 211 -3.63 11.12 -16.89
C ALA C 211 -2.73 12.36 -16.78
N GLY C 212 -2.75 13.23 -17.81
CA GLY C 212 -1.94 14.46 -17.87
C GLY C 212 -2.72 15.70 -17.44
N LYS C 213 -4.04 15.72 -17.67
CA LYS C 213 -4.88 16.93 -17.42
C LYS C 213 -5.50 16.86 -16.01
N GLY C 214 -5.52 15.69 -15.37
CA GLY C 214 -6.21 15.48 -14.08
C GLY C 214 -7.69 15.21 -14.26
N HIS C 215 -8.38 14.72 -13.22
CA HIS C 215 -9.80 14.33 -13.24
C HIS C 215 -10.70 15.49 -12.80
N PHE C 216 -10.17 16.39 -11.95
CA PHE C 216 -10.92 17.48 -11.28
C PHE C 216 -11.73 18.28 -12.30
N THR C 217 -11.16 18.53 -13.47
CA THR C 217 -11.71 19.44 -14.51
C THR C 217 -12.05 18.66 -15.79
N THR C 218 -11.87 17.34 -15.82
CA THR C 218 -12.17 16.50 -17.02
C THR C 218 -13.35 15.55 -16.74
N SER C 219 -13.11 14.44 -16.06
CA SER C 219 -14.09 13.34 -15.91
C SER C 219 -15.10 13.63 -14.78
N TRP C 220 -14.75 14.51 -13.83
CA TRP C 220 -15.56 14.72 -12.61
C TRP C 220 -16.71 15.71 -12.83
N PRO C 221 -16.52 16.87 -13.51
CA PRO C 221 -17.55 17.92 -13.51
C PRO C 221 -18.96 17.47 -13.94
N ASN C 222 -19.08 16.74 -15.04
CA ASN C 222 -20.41 16.39 -15.61
C ASN C 222 -20.87 15.00 -15.14
N LYS C 223 -20.06 14.31 -14.33
CA LYS C 223 -20.43 13.01 -13.72
C LYS C 223 -20.64 13.21 -12.22
N VAL C 224 -19.73 12.74 -11.37
CA VAL C 224 -19.94 12.69 -9.89
C VAL C 224 -20.27 14.10 -9.35
N LEU C 225 -19.58 15.14 -9.81
CA LEU C 225 -19.79 16.53 -9.28
C LEU C 225 -21.17 17.07 -9.74
N SER C 226 -21.82 16.44 -10.71
CA SER C 226 -23.21 16.75 -11.17
C SER C 226 -24.21 15.72 -10.63
N GLY C 227 -23.76 14.81 -9.75
CA GLY C 227 -24.62 13.76 -9.16
C GLY C 227 -24.97 12.67 -10.16
N ASP C 228 -24.30 12.61 -11.31
CA ASP C 228 -24.56 11.59 -12.37
C ASP C 228 -23.44 10.54 -12.35
N LEU C 229 -23.79 9.30 -11.98
CA LEU C 229 -22.84 8.16 -11.84
C LEU C 229 -23.03 7.18 -13.01
N SER C 230 -23.84 7.52 -14.00
CA SER C 230 -24.00 6.70 -15.22
C SER C 230 -22.65 6.62 -15.92
N PRO C 231 -22.21 5.43 -16.37
CA PRO C 231 -20.82 5.25 -16.80
C PRO C 231 -20.46 5.93 -18.12
N ALA C 232 -19.33 6.63 -18.13
CA ALA C 232 -18.54 6.91 -19.35
C ALA C 232 -17.43 5.84 -19.41
N PHE C 233 -16.75 5.62 -18.27
CA PHE C 233 -15.77 4.54 -18.06
C PHE C 233 -16.11 3.81 -16.75
N MET C 234 -16.49 2.54 -16.89
CA MET C 234 -17.03 1.74 -15.77
C MET C 234 -15.90 1.38 -14.79
N ILE C 235 -16.22 1.39 -13.51
CA ILE C 235 -15.30 1.01 -12.39
C ILE C 235 -14.73 -0.40 -12.65
N ASP C 236 -15.56 -1.36 -13.07
CA ASP C 236 -15.12 -2.75 -13.37
C ASP C 236 -14.01 -2.74 -14.44
N LEU C 237 -14.15 -1.93 -15.48
CA LEU C 237 -13.17 -1.87 -16.60
C LEU C 237 -11.88 -1.19 -16.10
N ALA C 238 -12.01 -0.05 -15.42
CA ALA C 238 -10.88 0.63 -14.74
C ALA C 238 -10.18 -0.37 -13.83
N HIS C 239 -10.94 -1.12 -13.04
CA HIS C 239 -10.43 -2.14 -12.09
C HIS C 239 -9.62 -3.18 -12.88
N LYS C 240 -10.16 -3.65 -14.01
CA LYS C 240 -9.48 -4.67 -14.87
C LYS C 240 -8.14 -4.12 -15.40
N ASP C 241 -8.15 -2.90 -15.94
CA ASP C 241 -6.94 -2.29 -16.58
C ASP C 241 -5.85 -2.14 -15.51
N LEU C 242 -6.24 -1.72 -14.31
CA LEU C 242 -5.32 -1.57 -13.16
C LEU C 242 -4.65 -2.90 -12.86
N GLY C 243 -5.44 -3.98 -12.85
CA GLY C 243 -4.94 -5.36 -12.68
C GLY C 243 -3.90 -5.70 -13.71
N ILE C 244 -4.13 -5.41 -14.98
CA ILE C 244 -3.12 -5.73 -16.05
C ILE C 244 -1.84 -4.95 -15.74
N ALA C 245 -1.96 -3.67 -15.39
CA ALA C 245 -0.79 -2.81 -15.09
C ALA C 245 0.03 -3.42 -13.96
N LEU C 246 -0.64 -3.90 -12.90
CA LEU C 246 0.04 -4.44 -11.71
C LEU C 246 0.66 -5.80 -12.01
N ASP C 247 0.00 -6.62 -12.83
CA ASP C 247 0.57 -7.93 -13.29
C ASP C 247 1.88 -7.64 -14.04
N VAL C 248 1.88 -6.68 -14.96
CA VAL C 248 3.05 -6.33 -15.82
C VAL C 248 4.17 -5.82 -14.92
N ALA C 249 3.89 -4.79 -14.10
CA ALA C 249 4.83 -4.24 -13.11
C ALA C 249 5.43 -5.38 -12.28
N ASN C 250 4.62 -6.32 -11.82
CA ASN C 250 5.09 -7.42 -10.94
C ASN C 250 5.96 -8.39 -11.74
N GLN C 251 5.67 -8.62 -13.04
CA GLN C 251 6.54 -9.50 -13.87
C GLN C 251 7.88 -8.79 -14.13
N LEU C 252 7.89 -7.46 -14.27
CA LEU C 252 9.09 -6.65 -14.60
C LEU C 252 9.72 -6.06 -13.35
N HIS C 253 9.22 -6.43 -12.16
CA HIS C 253 9.68 -5.96 -10.83
C HIS C 253 9.83 -4.44 -10.80
N VAL C 254 8.78 -3.73 -11.22
CA VAL C 254 8.59 -2.28 -10.95
C VAL C 254 7.64 -2.18 -9.77
N PRO C 255 8.11 -1.87 -8.54
CA PRO C 255 7.23 -1.72 -7.39
C PRO C 255 6.29 -0.54 -7.62
N MET C 256 4.99 -0.78 -7.42
CA MET C 256 3.97 0.26 -7.61
C MET C 256 3.03 0.26 -6.40
N PRO C 257 3.54 0.70 -5.23
CA PRO C 257 2.73 0.71 -4.02
C PRO C 257 1.43 1.52 -4.18
N LEU C 258 1.47 2.67 -4.86
CA LEU C 258 0.25 3.51 -5.03
C LEU C 258 -0.74 2.79 -5.95
N GLY C 259 -0.28 2.21 -7.05
CA GLY C 259 -1.15 1.41 -7.93
C GLY C 259 -1.84 0.30 -7.17
N ALA C 260 -1.06 -0.46 -6.40
CA ALA C 260 -1.53 -1.64 -5.63
C ALA C 260 -2.59 -1.19 -4.63
N ALA C 261 -2.35 -0.10 -3.90
CA ALA C 261 -3.32 0.47 -2.96
C ALA C 261 -4.58 0.90 -3.71
N SER C 262 -4.41 1.54 -4.87
CA SER C 262 -5.53 2.10 -5.66
C SER C 262 -6.44 0.95 -6.13
N ARG C 263 -5.88 -0.21 -6.46
CA ARG C 263 -6.72 -1.30 -6.98
C ARG C 263 -7.62 -1.78 -5.83
N GLU C 264 -7.13 -1.77 -4.59
CA GLU C 264 -7.91 -2.25 -3.43
C GLU C 264 -9.02 -1.25 -3.12
N VAL C 265 -8.85 0.02 -3.48
CA VAL C 265 -9.92 1.06 -3.37
C VAL C 265 -11.01 0.76 -4.40
N TYR C 266 -10.63 0.49 -5.65
CA TYR C 266 -11.57 0.09 -6.71
C TYR C 266 -12.28 -1.21 -6.28
N SER C 267 -11.55 -2.15 -5.70
CA SER C 267 -12.11 -3.44 -5.20
C SER C 267 -13.18 -3.15 -4.16
N GLN C 268 -12.92 -2.22 -3.24
CA GLN C 268 -13.91 -1.82 -2.20
C GLN C 268 -15.16 -1.24 -2.89
N ALA C 269 -14.97 -0.48 -3.98
CA ALA C 269 -16.07 0.15 -4.74
C ALA C 269 -16.90 -0.97 -5.36
N ARG C 270 -16.26 -2.04 -5.82
CA ARG C 270 -16.96 -3.17 -6.47
C ARG C 270 -17.76 -3.90 -5.39
N ALA C 271 -17.16 -4.18 -4.23
CA ALA C 271 -17.82 -4.84 -3.08
C ALA C 271 -19.08 -4.07 -2.69
N ALA C 272 -19.08 -2.74 -2.82
CA ALA C 272 -20.19 -1.83 -2.40
C ALA C 272 -21.24 -1.72 -3.51
N GLY C 273 -21.07 -2.38 -4.66
CA GLY C 273 -22.05 -2.42 -5.77
C GLY C 273 -21.85 -1.31 -6.81
N ARG C 274 -20.64 -0.77 -6.96
CA ARG C 274 -20.39 0.40 -7.83
C ARG C 274 -19.73 -0.03 -9.15
N GLY C 275 -19.63 -1.34 -9.42
CA GLY C 275 -18.89 -1.91 -10.58
C GLY C 275 -19.31 -1.31 -11.90
N ARG C 276 -20.60 -1.00 -12.09
CA ARG C 276 -21.16 -0.52 -13.38
C ARG C 276 -21.31 1.00 -13.34
N GLN C 277 -20.95 1.64 -12.23
CA GLN C 277 -20.92 3.13 -12.12
C GLN C 277 -19.71 3.70 -12.88
N ASP C 278 -19.77 4.99 -13.20
CA ASP C 278 -18.64 5.75 -13.81
C ASP C 278 -17.46 5.74 -12.83
N TRP C 279 -16.23 5.72 -13.34
CA TRP C 279 -15.01 5.78 -12.49
C TRP C 279 -15.03 7.00 -11.56
N SER C 280 -15.66 8.11 -11.93
CA SER C 280 -15.78 9.31 -11.05
C SER C 280 -16.48 8.95 -9.73
N ALA C 281 -17.20 7.83 -9.68
CA ALA C 281 -17.93 7.38 -8.46
C ALA C 281 -16.94 6.98 -7.37
N ILE C 282 -15.67 6.75 -7.71
CA ILE C 282 -14.60 6.54 -6.69
C ILE C 282 -14.64 7.67 -5.66
N LEU C 283 -14.90 8.90 -6.07
CA LEU C 283 -15.06 10.04 -5.13
C LEU C 283 -16.12 9.69 -4.08
N GLU C 284 -17.28 9.22 -4.51
CA GLU C 284 -18.44 8.89 -3.63
C GLU C 284 -18.02 7.76 -2.69
N GLN C 285 -17.29 6.76 -3.21
CA GLN C 285 -16.76 5.62 -2.40
C GLN C 285 -15.84 6.15 -1.29
N VAL C 286 -14.94 7.09 -1.59
CA VAL C 286 -13.99 7.62 -0.56
C VAL C 286 -14.80 8.46 0.45
N ARG C 287 -15.84 9.16 0.01
CA ARG C 287 -16.76 9.92 0.93
C ARG C 287 -17.45 8.93 1.89
N VAL C 288 -18.00 7.83 1.39
CA VAL C 288 -18.66 6.79 2.24
C VAL C 288 -17.62 6.22 3.20
N SER C 289 -16.44 5.85 2.70
CA SER C 289 -15.29 5.33 3.49
C SER C 289 -14.96 6.27 4.66
N ALA C 290 -15.13 7.59 4.47
CA ALA C 290 -14.85 8.62 5.50
C ALA C 290 -16.09 8.88 6.37
N GLY C 291 -17.15 8.08 6.21
CA GLY C 291 -18.37 8.15 7.06
C GLY C 291 -19.23 9.35 6.72
N MET C 292 -19.14 9.87 5.50
CA MET C 292 -20.01 10.96 4.98
C MET C 292 -21.24 10.32 4.32
N THR C 293 -22.34 11.07 4.29
CA THR C 293 -23.62 10.61 3.70
C THR C 293 -23.44 10.67 2.17
N ALA C 294 -23.89 9.63 1.46
CA ALA C 294 -23.88 9.55 -0.02
C ALA C 294 -24.65 10.74 -0.61
N LYS C 295 -24.08 11.35 -1.66
CA LYS C 295 -24.67 12.50 -2.41
C LYS C 295 -25.63 11.95 -3.47
N ALA D 2 -12.21 -2.37 -48.50
CA ALA D 2 -11.26 -3.52 -48.32
C ALA D 2 -12.01 -4.70 -47.69
N ALA D 3 -11.45 -5.89 -47.87
CA ALA D 3 -11.97 -7.16 -47.34
C ALA D 3 -11.39 -7.37 -45.94
N ILE D 4 -12.28 -7.30 -44.93
CA ILE D 4 -11.90 -7.32 -43.49
C ILE D 4 -12.59 -8.51 -42.80
N ALA D 5 -11.83 -9.24 -41.98
CA ALA D 5 -12.37 -10.17 -40.97
C ALA D 5 -12.42 -9.44 -39.63
N PHE D 6 -13.57 -9.45 -38.95
CA PHE D 6 -13.74 -8.86 -37.61
C PHE D 6 -14.21 -9.93 -36.63
N ILE D 7 -13.37 -10.28 -35.66
CA ILE D 7 -13.70 -11.29 -34.60
C ILE D 7 -13.79 -10.57 -33.26
N GLY D 8 -14.98 -10.57 -32.67
CA GLY D 8 -15.29 -9.93 -31.39
C GLY D 8 -16.25 -8.78 -31.62
N LEU D 9 -17.54 -9.01 -31.38
CA LEU D 9 -18.64 -8.06 -31.63
C LEU D 9 -19.23 -7.59 -30.28
N GLY D 10 -18.38 -7.28 -29.30
CA GLY D 10 -18.75 -6.84 -27.94
C GLY D 10 -19.18 -5.38 -27.89
N GLN D 11 -19.15 -4.77 -26.71
CA GLN D 11 -19.54 -3.35 -26.46
C GLN D 11 -18.72 -2.42 -27.37
N MET D 12 -17.47 -2.78 -27.65
CA MET D 12 -16.52 -2.02 -28.52
C MET D 12 -16.56 -2.61 -29.94
N GLY D 13 -16.37 -3.94 -30.07
CA GLY D 13 -16.30 -4.65 -31.36
C GLY D 13 -17.46 -4.30 -32.27
N SER D 14 -18.69 -4.40 -31.75
CA SER D 14 -19.95 -4.32 -32.54
C SER D 14 -20.01 -2.98 -33.28
N PRO D 15 -20.01 -1.82 -32.58
CA PRO D 15 -20.08 -0.54 -33.26
C PRO D 15 -18.85 -0.20 -34.13
N MET D 16 -17.67 -0.73 -33.78
CA MET D 16 -16.43 -0.52 -34.58
C MET D 16 -16.63 -1.16 -35.94
N ALA D 17 -17.02 -2.44 -35.96
CA ALA D 17 -17.33 -3.20 -37.19
C ALA D 17 -18.46 -2.50 -37.96
N SER D 18 -19.46 -1.97 -37.25
CA SER D 18 -20.60 -1.21 -37.83
C SER D 18 -20.09 0.02 -38.59
N ASN D 19 -19.11 0.73 -38.03
CA ASN D 19 -18.51 1.94 -38.65
C ASN D 19 -17.70 1.52 -39.89
N LEU D 20 -17.03 0.36 -39.86
CA LEU D 20 -16.27 -0.16 -41.04
C LEU D 20 -17.24 -0.41 -42.21
N LEU D 21 -18.39 -1.03 -41.97
CA LEU D 21 -19.44 -1.32 -43.00
C LEU D 21 -19.99 0.01 -43.54
N GLN D 22 -20.30 0.95 -42.65
CA GLN D 22 -20.80 2.31 -42.97
C GLN D 22 -19.83 3.04 -43.90
N GLN D 23 -18.53 2.74 -43.81
CA GLN D 23 -17.44 3.29 -44.68
C GLN D 23 -17.20 2.36 -45.88
N GLY D 24 -18.14 1.45 -46.18
CA GLY D 24 -18.20 0.68 -47.44
C GLY D 24 -17.16 -0.44 -47.54
N HIS D 25 -16.60 -0.88 -46.41
CA HIS D 25 -15.75 -2.10 -46.34
C HIS D 25 -16.63 -3.35 -46.31
N GLN D 26 -16.09 -4.47 -46.78
CA GLN D 26 -16.77 -5.80 -46.81
C GLN D 26 -16.29 -6.63 -45.60
N LEU D 27 -17.19 -6.92 -44.66
CA LEU D 27 -16.82 -7.60 -43.38
C LEU D 27 -17.38 -9.03 -43.35
N ARG D 28 -16.48 -9.99 -43.10
CA ARG D 28 -16.79 -11.33 -42.51
C ARG D 28 -16.66 -11.23 -40.98
N VAL D 29 -17.76 -11.40 -40.25
CA VAL D 29 -17.80 -11.21 -38.76
C VAL D 29 -18.01 -12.56 -38.07
N PHE D 30 -17.32 -12.77 -36.94
CA PHE D 30 -17.56 -13.88 -35.99
C PHE D 30 -17.59 -13.36 -34.54
N ASP D 31 -18.42 -13.99 -33.71
CA ASP D 31 -18.59 -13.72 -32.26
C ASP D 31 -19.27 -14.95 -31.64
N VAL D 32 -18.93 -15.28 -30.39
CA VAL D 32 -19.31 -16.59 -29.78
C VAL D 32 -20.82 -16.60 -29.53
N ASN D 33 -21.44 -15.43 -29.30
CA ASN D 33 -22.92 -15.27 -29.10
C ASN D 33 -23.63 -15.15 -30.46
N LEU D 40 -25.15 -7.18 -37.11
CA LEU D 40 -24.12 -6.76 -38.10
C LEU D 40 -24.47 -7.30 -39.49
N VAL D 41 -25.09 -8.49 -39.58
CA VAL D 41 -25.54 -9.07 -40.88
C VAL D 41 -26.63 -8.18 -41.48
N ASP D 42 -27.55 -7.70 -40.64
CA ASP D 42 -28.60 -6.72 -41.03
C ASP D 42 -27.95 -5.50 -41.69
N LYS D 43 -26.76 -5.12 -41.22
CA LYS D 43 -26.05 -3.87 -41.60
C LYS D 43 -25.04 -4.16 -42.73
N GLY D 44 -25.02 -5.39 -43.27
CA GLY D 44 -24.34 -5.74 -44.53
C GLY D 44 -23.23 -6.77 -44.34
N ALA D 45 -22.87 -7.11 -43.10
CA ALA D 45 -21.80 -8.09 -42.80
C ALA D 45 -22.20 -9.48 -43.31
N THR D 46 -21.24 -10.22 -43.84
CA THR D 46 -21.30 -11.69 -44.07
C THR D 46 -21.01 -12.41 -42.75
N PRO D 47 -21.92 -13.27 -42.21
CA PRO D 47 -21.60 -14.05 -41.01
C PRO D 47 -20.67 -15.21 -41.37
N ALA D 48 -19.80 -15.60 -40.44
CA ALA D 48 -18.88 -16.75 -40.54
C ALA D 48 -19.07 -17.65 -39.32
N ALA D 49 -18.99 -18.97 -39.49
CA ALA D 49 -19.22 -19.98 -38.42
C ALA D 49 -18.05 -20.02 -37.44
N ASN D 50 -16.87 -19.50 -37.82
CA ASN D 50 -15.67 -19.51 -36.95
C ASN D 50 -14.61 -18.56 -37.50
N PRO D 51 -13.55 -18.25 -36.71
CA PRO D 51 -12.45 -17.38 -37.16
C PRO D 51 -11.84 -17.72 -38.53
N ALA D 52 -11.57 -19.00 -38.78
CA ALA D 52 -10.98 -19.51 -40.05
C ALA D 52 -11.78 -18.97 -41.23
N GLN D 53 -13.09 -19.24 -41.23
CA GLN D 53 -14.02 -18.86 -42.33
C GLN D 53 -13.99 -17.33 -42.47
N ALA D 54 -14.06 -16.63 -41.34
CA ALA D 54 -14.01 -15.15 -41.28
C ALA D 54 -12.75 -14.65 -42.00
N ALA D 55 -11.62 -15.33 -41.81
CA ALA D 55 -10.27 -14.90 -42.28
C ALA D 55 -10.05 -15.19 -43.77
N LYS D 56 -10.73 -16.19 -44.34
CA LYS D 56 -10.55 -16.62 -45.76
C LYS D 56 -10.61 -15.40 -46.70
N ASP D 57 -9.50 -15.09 -47.37
CA ASP D 57 -9.40 -14.04 -48.43
C ASP D 57 -9.73 -12.65 -47.84
N ALA D 58 -9.37 -12.40 -46.59
CA ALA D 58 -9.36 -11.07 -45.96
C ALA D 58 -7.95 -10.46 -46.10
N GLU D 59 -7.87 -9.16 -46.40
CA GLU D 59 -6.58 -8.41 -46.40
C GLU D 59 -6.23 -8.00 -44.96
N PHE D 60 -7.25 -7.71 -44.17
CA PHE D 60 -7.14 -7.23 -42.76
C PHE D 60 -7.99 -8.13 -41.85
N ILE D 61 -7.36 -8.67 -40.82
CA ILE D 61 -8.05 -9.42 -39.72
C ILE D 61 -7.99 -8.52 -38.48
N ILE D 62 -9.16 -8.17 -37.94
CA ILE D 62 -9.26 -7.39 -36.68
C ILE D 62 -9.80 -8.32 -35.60
N THR D 63 -9.12 -8.35 -34.45
CA THR D 63 -9.61 -8.98 -33.20
C THR D 63 -9.89 -7.89 -32.18
N MET D 64 -11.05 -7.96 -31.53
CA MET D 64 -11.43 -7.09 -30.38
C MET D 64 -12.06 -7.99 -29.30
N LEU D 65 -11.22 -8.54 -28.42
CA LEU D 65 -11.61 -9.55 -27.40
C LEU D 65 -11.20 -9.08 -26.00
N PRO D 66 -11.80 -9.65 -24.93
CA PRO D 66 -11.54 -9.23 -23.56
C PRO D 66 -10.13 -9.52 -22.99
N ASN D 67 -9.41 -10.53 -23.50
CA ASN D 67 -8.09 -10.92 -22.93
C ASN D 67 -7.21 -11.63 -23.96
N GLY D 68 -5.91 -11.72 -23.65
CA GLY D 68 -4.85 -12.22 -24.54
C GLY D 68 -4.92 -13.72 -24.77
N ASP D 69 -5.62 -14.47 -23.90
CA ASP D 69 -5.82 -15.94 -24.04
C ASP D 69 -6.83 -16.19 -25.17
N LEU D 70 -7.97 -15.49 -25.12
CA LEU D 70 -9.06 -15.54 -26.14
C LEU D 70 -8.53 -15.06 -27.49
N VAL D 71 -7.61 -14.10 -27.50
CA VAL D 71 -6.95 -13.63 -28.75
C VAL D 71 -6.14 -14.80 -29.33
N ARG D 72 -5.34 -15.47 -28.51
CA ARG D 72 -4.49 -16.62 -28.94
C ARG D 72 -5.39 -17.75 -29.45
N ASN D 73 -6.43 -18.11 -28.70
CA ASN D 73 -7.37 -19.22 -29.02
C ASN D 73 -8.18 -18.89 -30.27
N VAL D 74 -8.31 -17.60 -30.64
CA VAL D 74 -9.06 -17.13 -31.85
C VAL D 74 -8.10 -17.13 -33.04
N LEU D 75 -6.80 -16.95 -32.81
CA LEU D 75 -5.78 -16.90 -33.89
C LEU D 75 -5.22 -18.31 -34.14
N PHE D 76 -4.91 -19.08 -33.08
CA PHE D 76 -4.12 -20.35 -33.17
C PHE D 76 -4.94 -21.59 -32.78
N GLY D 77 -6.19 -21.45 -32.34
CA GLY D 77 -7.02 -22.55 -31.83
C GLY D 77 -7.77 -23.31 -32.92
N GLU D 78 -8.58 -24.30 -32.51
CA GLU D 78 -9.41 -25.16 -33.39
C GLU D 78 -10.26 -24.26 -34.30
N ASN D 79 -10.07 -24.35 -35.62
CA ASN D 79 -10.73 -23.46 -36.63
C ASN D 79 -10.30 -22.02 -36.36
N GLY D 80 -8.99 -21.78 -36.29
CA GLY D 80 -8.40 -20.46 -35.96
C GLY D 80 -8.20 -19.58 -37.18
N VAL D 81 -7.81 -18.32 -36.96
CA VAL D 81 -7.57 -17.29 -38.01
C VAL D 81 -6.37 -17.73 -38.87
N CYS D 82 -5.34 -18.28 -38.25
CA CYS D 82 -4.12 -18.80 -38.94
C CYS D 82 -4.53 -19.81 -40.03
N GLU D 83 -5.59 -20.59 -39.77
CA GLU D 83 -6.18 -21.60 -40.67
C GLU D 83 -6.68 -20.97 -41.99
N GLY D 84 -7.10 -19.70 -41.97
CA GLY D 84 -7.69 -19.01 -43.14
C GLY D 84 -6.90 -17.80 -43.61
N LEU D 85 -5.76 -17.47 -42.97
CA LEU D 85 -5.03 -16.19 -43.23
C LEU D 85 -4.05 -16.38 -44.41
N SER D 86 -3.89 -15.35 -45.26
CA SER D 86 -2.88 -15.25 -46.34
C SER D 86 -1.64 -14.51 -45.82
N THR D 87 -0.46 -14.82 -46.35
CA THR D 87 0.85 -14.21 -45.94
C THR D 87 0.89 -12.73 -46.36
N ASP D 88 -0.08 -12.27 -47.16
CA ASP D 88 -0.13 -10.86 -47.68
C ASP D 88 -1.02 -10.00 -46.77
N ALA D 89 -1.83 -10.63 -45.92
CA ALA D 89 -2.79 -9.99 -45.01
C ALA D 89 -2.09 -9.40 -43.78
N LEU D 90 -2.84 -8.61 -43.02
CA LEU D 90 -2.36 -7.88 -41.81
C LEU D 90 -3.35 -8.13 -40.67
N VAL D 91 -2.88 -8.73 -39.56
CA VAL D 91 -3.68 -8.92 -38.31
C VAL D 91 -3.53 -7.66 -37.46
N ILE D 92 -4.66 -7.08 -37.06
CA ILE D 92 -4.73 -5.89 -36.15
C ILE D 92 -5.48 -6.32 -34.89
N ASP D 93 -4.75 -6.61 -33.80
CA ASP D 93 -5.35 -6.79 -32.45
C ASP D 93 -5.56 -5.42 -31.85
N MET D 94 -6.82 -5.06 -31.63
CA MET D 94 -7.24 -3.78 -31.02
C MET D 94 -7.67 -4.03 -29.57
N SER D 95 -7.40 -5.22 -29.05
CA SER D 95 -7.76 -5.67 -27.67
C SER D 95 -6.80 -5.03 -26.67
N THR D 96 -7.28 -4.76 -25.45
CA THR D 96 -6.43 -4.33 -24.32
C THR D 96 -6.06 -5.58 -23.53
N ILE D 97 -4.83 -6.06 -23.73
CA ILE D 97 -4.32 -7.31 -23.11
C ILE D 97 -2.92 -7.01 -22.58
N HIS D 98 -2.28 -8.02 -21.99
CA HIS D 98 -0.94 -7.94 -21.38
C HIS D 98 0.06 -7.63 -22.48
N PRO D 99 0.91 -6.57 -22.33
CA PRO D 99 1.89 -6.22 -23.35
C PRO D 99 2.80 -7.39 -23.75
N LEU D 100 3.28 -8.17 -22.77
CA LEU D 100 4.15 -9.34 -23.03
C LEU D 100 3.35 -10.39 -23.82
N GLN D 101 2.03 -10.50 -23.62
CA GLN D 101 1.17 -11.41 -24.42
C GLN D 101 1.12 -10.90 -25.87
N THR D 102 1.04 -9.59 -26.09
CA THR D 102 1.08 -8.94 -27.42
C THR D 102 2.41 -9.26 -28.11
N ASP D 103 3.55 -9.00 -27.44
CA ASP D 103 4.90 -9.29 -27.96
C ASP D 103 5.01 -10.76 -28.42
N LYS D 104 4.51 -11.71 -27.61
CA LYS D 104 4.58 -13.16 -27.89
C LYS D 104 3.70 -13.48 -29.11
N LEU D 105 2.53 -12.86 -29.22
CA LEU D 105 1.58 -13.11 -30.33
C LEU D 105 2.16 -12.54 -31.63
N ILE D 106 2.80 -11.37 -31.60
CA ILE D 106 3.40 -10.72 -32.80
C ILE D 106 4.56 -11.58 -33.30
N ALA D 107 5.30 -12.22 -32.38
CA ALA D 107 6.49 -13.06 -32.67
C ALA D 107 6.03 -14.43 -33.19
N ASP D 108 5.01 -15.02 -32.57
CA ASP D 108 4.47 -16.36 -32.91
C ASP D 108 3.73 -16.29 -34.25
N MET D 109 3.28 -15.09 -34.67
CA MET D 109 2.67 -14.84 -36.00
C MET D 109 3.78 -14.50 -37.01
N GLN D 110 4.84 -13.80 -36.59
CA GLN D 110 6.04 -13.50 -37.44
C GLN D 110 6.82 -14.80 -37.71
N ALA D 111 6.72 -15.79 -36.81
CA ALA D 111 7.38 -17.11 -36.90
C ALA D 111 6.75 -17.94 -38.02
N LYS D 112 5.45 -17.77 -38.27
CA LYS D 112 4.67 -18.57 -39.25
C LYS D 112 4.46 -17.76 -40.55
N GLY D 113 5.16 -16.64 -40.74
CA GLY D 113 5.10 -15.81 -41.98
C GLY D 113 3.96 -14.78 -42.00
N PHE D 114 3.16 -14.72 -40.93
CA PHE D 114 2.01 -13.77 -40.78
C PHE D 114 2.49 -12.43 -40.19
N SER D 115 1.77 -11.34 -40.50
CA SER D 115 2.06 -9.95 -40.05
C SER D 115 1.01 -9.50 -39.02
N MET D 116 1.44 -9.00 -37.85
CA MET D 116 0.52 -8.65 -36.72
C MET D 116 0.96 -7.34 -36.07
N MET D 117 -0.02 -6.46 -35.82
CA MET D 117 0.21 -5.16 -35.13
C MET D 117 -0.83 -5.01 -34.01
N ASP D 118 -0.45 -4.27 -32.97
CA ASP D 118 -1.29 -3.89 -31.81
C ASP D 118 -1.82 -2.47 -32.04
N VAL D 119 -3.13 -2.32 -32.17
CA VAL D 119 -3.80 -0.98 -32.21
C VAL D 119 -4.97 -1.04 -31.25
N PRO D 120 -4.67 -1.02 -29.92
CA PRO D 120 -5.72 -0.86 -28.91
C PRO D 120 -6.28 0.56 -29.01
N VAL D 121 -7.42 0.80 -28.36
CA VAL D 121 -8.15 2.09 -28.49
C VAL D 121 -8.33 2.69 -27.10
N GLY D 122 -8.20 4.01 -27.00
CA GLY D 122 -8.61 4.81 -25.85
C GLY D 122 -10.03 5.32 -26.06
N ARG D 123 -10.62 5.90 -25.01
CA ARG D 123 -12.01 6.46 -24.98
C ARG D 123 -13.02 5.30 -24.90
N THR D 124 -14.31 5.63 -24.82
CA THR D 124 -15.38 4.77 -24.26
C THR D 124 -16.21 4.17 -25.39
N SER D 125 -17.25 3.40 -25.06
CA SER D 125 -18.16 2.72 -26.04
C SER D 125 -19.05 3.76 -26.74
N ALA D 126 -19.29 4.90 -26.11
CA ALA D 126 -19.98 6.06 -26.74
C ALA D 126 -19.16 6.53 -27.93
N ASN D 127 -17.82 6.49 -27.84
CA ASN D 127 -16.88 6.93 -28.90
C ASN D 127 -16.73 5.84 -29.97
N ALA D 128 -16.84 4.57 -29.58
CA ALA D 128 -16.86 3.41 -30.51
C ALA D 128 -18.05 3.56 -31.46
N ILE D 129 -19.21 3.95 -30.91
CA ILE D 129 -20.48 4.11 -31.66
C ILE D 129 -20.29 5.20 -32.72
N THR D 130 -19.70 6.35 -32.34
CA THR D 130 -19.56 7.55 -33.20
C THR D 130 -18.25 7.50 -34.02
N GLY D 131 -17.44 6.45 -33.87
CA GLY D 131 -16.18 6.29 -34.59
C GLY D 131 -15.16 7.36 -34.20
N THR D 132 -15.15 7.78 -32.93
CA THR D 132 -14.27 8.84 -32.40
C THR D 132 -13.33 8.26 -31.33
N LEU D 133 -12.99 6.97 -31.43
CA LEU D 133 -11.99 6.32 -30.54
C LEU D 133 -10.62 6.98 -30.74
N LEU D 134 -9.78 6.94 -29.71
CA LEU D 134 -8.34 7.24 -29.80
C LEU D 134 -7.64 5.97 -30.24
N LEU D 135 -7.00 5.98 -31.41
CA LEU D 135 -6.29 4.82 -31.99
C LEU D 135 -4.83 4.91 -31.55
N LEU D 136 -4.38 3.92 -30.77
CA LEU D 136 -3.02 3.84 -30.21
C LEU D 136 -2.24 2.85 -31.04
N ALA D 137 -1.63 3.33 -32.12
CA ALA D 137 -1.13 2.51 -33.25
C ALA D 137 0.28 2.03 -32.92
N GLY D 138 0.39 0.78 -32.50
CA GLY D 138 1.67 0.05 -32.49
C GLY D 138 1.95 -0.52 -33.86
N GLY D 139 2.95 -1.40 -33.96
CA GLY D 139 3.40 -2.03 -35.21
C GLY D 139 4.41 -1.15 -35.92
N THR D 140 4.98 -1.66 -37.02
CA THR D 140 5.99 -0.99 -37.88
C THR D 140 5.34 0.23 -38.56
N ALA D 141 6.15 1.23 -38.89
CA ALA D 141 5.77 2.42 -39.70
C ALA D 141 4.97 2.02 -40.95
N GLU D 142 5.41 0.95 -41.63
CA GLU D 142 4.77 0.40 -42.85
C GLU D 142 3.37 -0.11 -42.49
N GLN D 143 3.26 -0.92 -41.44
CA GLN D 143 1.98 -1.51 -40.94
C GLN D 143 1.00 -0.37 -40.58
N VAL D 144 1.49 0.71 -39.97
CA VAL D 144 0.64 1.85 -39.53
C VAL D 144 0.13 2.58 -40.78
N GLU D 145 1.00 2.80 -41.77
CA GLU D 145 0.64 3.43 -43.08
C GLU D 145 -0.43 2.56 -43.75
N ARG D 146 -0.17 1.26 -43.82
CA ARG D 146 -1.06 0.29 -44.50
C ARG D 146 -2.44 0.32 -43.83
N ALA D 147 -2.48 0.35 -42.49
CA ALA D 147 -3.70 0.14 -41.68
C ALA D 147 -4.46 1.45 -41.49
N THR D 148 -3.79 2.61 -41.60
CA THR D 148 -4.34 3.93 -41.21
C THR D 148 -5.71 4.17 -41.83
N PRO D 149 -5.90 3.95 -43.16
CA PRO D 149 -7.19 4.20 -43.79
C PRO D 149 -8.36 3.41 -43.16
N ILE D 150 -8.14 2.12 -42.87
CA ILE D 150 -9.09 1.21 -42.17
C ILE D 150 -9.36 1.74 -40.76
N LEU D 151 -8.30 2.10 -40.03
CA LEU D 151 -8.35 2.50 -38.60
C LEU D 151 -9.16 3.78 -38.45
N MET D 152 -9.04 4.72 -39.39
CA MET D 152 -9.69 6.06 -39.33
C MET D 152 -11.21 5.96 -39.57
N ALA D 153 -11.71 4.77 -39.88
CA ALA D 153 -13.17 4.49 -39.97
C ALA D 153 -13.72 4.14 -38.59
N MET D 154 -12.87 3.83 -37.62
CA MET D 154 -13.25 3.38 -36.24
C MET D 154 -12.88 4.45 -35.21
N GLY D 155 -11.85 5.27 -35.46
CA GLY D 155 -11.38 6.34 -34.57
C GLY D 155 -11.17 7.67 -35.29
N SER D 156 -11.09 8.76 -34.54
CA SER D 156 -11.00 10.16 -35.04
C SER D 156 -9.56 10.67 -34.94
N GLU D 157 -8.72 9.99 -34.17
CA GLU D 157 -7.34 10.44 -33.84
C GLU D 157 -6.46 9.19 -33.77
N LEU D 158 -5.30 9.24 -34.41
CA LEU D 158 -4.32 8.13 -34.42
C LEU D 158 -3.02 8.69 -33.85
N ILE D 159 -2.41 7.93 -32.94
CA ILE D 159 -1.07 8.29 -32.38
C ILE D 159 -0.11 7.15 -32.73
N ASN D 160 0.97 7.48 -33.43
CA ASN D 160 2.01 6.50 -33.81
C ASN D 160 2.82 6.23 -32.56
N ALA D 161 2.64 5.06 -31.96
CA ALA D 161 3.29 4.64 -30.69
C ALA D 161 4.78 4.34 -30.94
N GLY D 162 5.13 4.06 -32.21
CA GLY D 162 6.54 4.02 -32.67
C GLY D 162 7.19 2.65 -32.55
N GLY D 163 6.44 1.57 -32.76
CA GLY D 163 7.00 0.22 -32.92
C GLY D 163 6.00 -0.87 -32.56
N PRO D 164 6.27 -2.15 -32.92
CA PRO D 164 5.48 -3.27 -32.43
C PRO D 164 5.41 -3.27 -30.90
N GLY D 165 4.20 -3.42 -30.35
CA GLY D 165 3.93 -3.55 -28.89
C GLY D 165 3.86 -2.22 -28.19
N MET D 166 4.15 -1.12 -28.88
CA MET D 166 4.20 0.23 -28.27
C MET D 166 2.77 0.75 -28.14
N GLY D 167 1.83 0.20 -28.91
CA GLY D 167 0.42 0.57 -28.89
C GLY D 167 -0.22 0.16 -27.57
N ILE D 168 -0.09 -1.12 -27.23
CA ILE D 168 -0.61 -1.69 -25.97
C ILE D 168 0.10 -1.03 -24.76
N ARG D 169 1.42 -0.76 -24.91
CA ARG D 169 2.24 -0.20 -23.82
C ARG D 169 1.71 1.19 -23.47
N VAL D 170 1.50 2.07 -24.45
CA VAL D 170 1.10 3.48 -24.19
C VAL D 170 -0.34 3.47 -23.68
N LYS D 171 -1.18 2.52 -24.14
CA LYS D 171 -2.54 2.38 -23.59
C LYS D 171 -2.48 2.07 -22.08
N LEU D 172 -1.65 1.09 -21.72
CA LEU D 172 -1.50 0.62 -20.32
C LEU D 172 -0.97 1.76 -19.44
N ILE D 173 0.09 2.44 -19.87
CA ILE D 173 0.73 3.54 -19.09
C ILE D 173 -0.32 4.62 -18.86
N ASN D 174 -0.99 5.04 -19.93
CA ASN D 174 -2.03 6.10 -19.84
C ASN D 174 -3.09 5.67 -18.84
N ASN D 175 -3.62 4.46 -19.00
CA ASN D 175 -4.79 3.99 -18.22
C ASN D 175 -4.34 3.74 -16.77
N TYR D 176 -3.15 3.19 -16.58
CA TYR D 176 -2.63 3.02 -15.20
C TYR D 176 -2.67 4.38 -14.51
N MET D 177 -2.02 5.35 -15.15
CA MET D 177 -1.85 6.69 -14.56
C MET D 177 -3.24 7.27 -14.25
N SER D 178 -4.16 7.27 -15.22
CA SER D 178 -5.48 7.95 -15.03
C SER D 178 -6.31 7.22 -13.97
N ILE D 179 -6.28 5.89 -13.95
CA ILE D 179 -7.15 5.08 -13.04
C ILE D 179 -6.66 5.27 -11.59
N ALA D 180 -5.36 5.19 -11.34
CA ALA D 180 -4.76 5.40 -10.00
C ALA D 180 -4.96 6.85 -9.57
N LEU D 181 -4.75 7.80 -10.48
CA LEU D 181 -4.88 9.26 -10.22
C LEU D 181 -6.30 9.54 -9.70
N ASN D 182 -7.29 8.84 -10.24
CA ASN D 182 -8.71 9.02 -9.86
C ASN D 182 -8.80 8.77 -8.34
N ALA D 183 -8.20 7.69 -7.86
CA ALA D 183 -8.22 7.28 -6.44
C ALA D 183 -7.52 8.35 -5.58
N LEU D 184 -6.37 8.85 -6.04
CA LEU D 184 -5.63 9.88 -5.30
C LEU D 184 -6.47 11.16 -5.26
N SER D 185 -7.01 11.57 -6.40
CA SER D 185 -7.84 12.80 -6.53
C SER D 185 -8.99 12.73 -5.52
N ALA D 186 -9.58 11.55 -5.36
CA ALA D 186 -10.70 11.29 -4.43
C ALA D 186 -10.24 11.58 -3.00
N GLU D 187 -9.07 11.08 -2.60
CA GLU D 187 -8.55 11.28 -1.22
C GLU D 187 -8.42 12.78 -0.94
N ALA D 188 -7.82 13.52 -1.87
CA ALA D 188 -7.58 14.97 -1.73
C ALA D 188 -8.92 15.67 -1.60
N ALA D 189 -9.89 15.32 -2.43
CA ALA D 189 -11.22 16.00 -2.49
C ALA D 189 -11.99 15.73 -1.19
N VAL D 190 -11.91 14.52 -0.63
CA VAL D 190 -12.67 14.17 0.61
C VAL D 190 -12.00 14.82 1.82
N LEU D 191 -10.67 14.90 1.84
CA LEU D 191 -9.93 15.64 2.92
C LEU D 191 -10.33 17.14 2.84
N CYS D 192 -10.41 17.68 1.63
CA CYS D 192 -10.92 19.04 1.31
C CYS D 192 -12.28 19.24 1.99
N GLU D 193 -13.25 18.35 1.72
CA GLU D 193 -14.61 18.42 2.29
C GLU D 193 -14.55 18.28 3.82
N ALA D 194 -13.74 17.37 4.36
CA ALA D 194 -13.63 17.11 5.81
C ALA D 194 -13.11 18.36 6.52
N LEU D 195 -12.28 19.15 5.85
CA LEU D 195 -11.72 20.42 6.39
C LEU D 195 -12.69 21.60 6.17
N ASN D 196 -13.86 21.37 5.55
CA ASN D 196 -14.91 22.38 5.23
C ASN D 196 -14.33 23.49 4.35
N LEU D 197 -13.50 23.11 3.38
CA LEU D 197 -12.97 24.01 2.33
C LEU D 197 -13.77 23.77 1.06
N PRO D 198 -14.40 24.80 0.45
CA PRO D 198 -15.09 24.60 -0.82
C PRO D 198 -14.13 23.99 -1.85
N PHE D 199 -14.59 22.97 -2.56
CA PHE D 199 -13.80 22.19 -3.56
C PHE D 199 -13.29 23.11 -4.68
N ASP D 200 -14.16 24.01 -5.14
CA ASP D 200 -13.91 24.95 -6.27
C ASP D 200 -12.65 25.78 -5.95
N VAL D 201 -12.47 26.14 -4.68
CA VAL D 201 -11.29 26.93 -4.21
C VAL D 201 -10.03 26.04 -4.31
N ALA D 202 -10.10 24.80 -3.84
CA ALA D 202 -8.99 23.82 -3.91
C ALA D 202 -8.57 23.65 -5.37
N VAL D 203 -9.54 23.46 -6.26
CA VAL D 203 -9.29 23.24 -7.72
C VAL D 203 -8.60 24.47 -8.32
N LYS D 204 -9.03 25.67 -7.96
CA LYS D 204 -8.44 26.94 -8.47
C LYS D 204 -6.95 26.94 -8.09
N VAL D 205 -6.63 26.65 -6.83
CA VAL D 205 -5.24 26.61 -6.28
C VAL D 205 -4.45 25.52 -7.02
N MET D 206 -5.00 24.30 -7.10
CA MET D 206 -4.29 23.13 -7.65
C MET D 206 -4.04 23.34 -9.14
N SER D 207 -4.88 24.12 -9.83
CA SER D 207 -4.73 24.43 -11.27
C SER D 207 -3.50 25.32 -11.51
N GLY D 208 -3.01 26.02 -10.47
CA GLY D 208 -1.79 26.84 -10.52
C GLY D 208 -0.51 26.09 -10.12
N THR D 209 -0.60 24.82 -9.72
CA THR D 209 0.56 24.01 -9.23
C THR D 209 0.61 22.65 -9.93
N ALA D 210 1.60 21.83 -9.57
CA ALA D 210 1.78 20.45 -10.06
C ALA D 210 0.60 19.56 -9.60
N ALA D 211 -0.11 19.93 -8.53
CA ALA D 211 -1.32 19.23 -8.05
C ALA D 211 -2.34 19.04 -9.19
N GLY D 212 -2.62 20.13 -9.93
CA GLY D 212 -3.59 20.14 -11.03
C GLY D 212 -2.93 20.04 -12.39
N LYS D 213 -1.69 20.53 -12.55
CA LYS D 213 -0.99 20.56 -13.86
C LYS D 213 -0.15 19.30 -14.07
N GLY D 214 0.13 18.55 -13.01
CA GLY D 214 1.00 17.36 -13.05
C GLY D 214 2.46 17.74 -12.97
N HIS D 215 3.34 16.76 -12.80
CA HIS D 215 4.80 16.95 -12.64
C HIS D 215 5.52 16.70 -13.97
N PHE D 216 4.97 15.83 -14.83
CA PHE D 216 5.62 15.33 -16.06
C PHE D 216 6.21 16.48 -16.90
N THR D 217 5.45 17.57 -17.02
CA THR D 217 5.75 18.71 -17.93
C THR D 217 6.01 19.99 -17.14
N THR D 218 6.01 19.94 -15.80
CA THR D 218 6.24 21.14 -14.94
C THR D 218 7.57 21.00 -14.17
N SER D 219 7.60 20.25 -13.08
CA SER D 219 8.75 20.16 -12.14
C SER D 219 9.81 19.19 -12.65
N TRP D 220 9.48 18.25 -13.54
CA TRP D 220 10.41 17.17 -13.96
C TRP D 220 11.39 17.61 -15.06
N PRO D 221 10.96 18.31 -16.13
CA PRO D 221 11.84 18.55 -17.28
C PRO D 221 13.21 19.16 -16.95
N ASN D 222 13.25 20.21 -16.13
CA ASN D 222 14.50 20.98 -15.84
C ASN D 222 15.18 20.47 -14.55
N LYS D 223 14.61 19.51 -13.86
CA LYS D 223 15.22 18.87 -12.66
C LYS D 223 15.62 17.44 -13.01
N VAL D 224 14.92 16.43 -12.53
CA VAL D 224 15.35 15.00 -12.62
C VAL D 224 15.60 14.61 -14.09
N LEU D 225 14.73 15.04 -15.03
CA LEU D 225 14.85 14.65 -16.47
C LEU D 225 16.07 15.35 -17.10
N SER D 226 16.63 16.37 -16.46
CA SER D 226 17.88 17.06 -16.88
C SER D 226 19.07 16.59 -16.04
N GLY D 227 18.88 15.63 -15.12
CA GLY D 227 19.92 15.11 -14.23
C GLY D 227 20.30 16.13 -13.18
N ASP D 228 19.45 17.13 -12.94
CA ASP D 228 19.66 18.16 -11.87
C ASP D 228 18.73 17.83 -10.70
N LEU D 229 19.31 17.45 -9.56
CA LEU D 229 18.59 17.02 -8.34
C LEU D 229 18.74 18.11 -7.27
N SER D 230 19.32 19.25 -7.61
CA SER D 230 19.41 20.40 -6.66
C SER D 230 17.99 20.83 -6.32
N PRO D 231 17.67 21.08 -5.03
CA PRO D 231 16.28 21.24 -4.63
C PRO D 231 15.63 22.55 -5.10
N ALA D 232 14.41 22.44 -5.62
CA ALA D 232 13.41 23.53 -5.63
C ALA D 232 12.49 23.31 -4.42
N PHE D 233 12.07 22.06 -4.22
CA PHE D 233 11.32 21.58 -3.03
C PHE D 233 11.96 20.28 -2.56
N MET D 234 12.51 20.33 -1.34
CA MET D 234 13.29 19.24 -0.74
C MET D 234 12.36 18.09 -0.33
N ILE D 235 12.81 16.87 -0.59
CA ILE D 235 12.15 15.59 -0.21
C ILE D 235 11.82 15.59 1.29
N ASP D 236 12.71 16.05 2.16
CA ASP D 236 12.47 16.13 3.64
C ASP D 236 11.20 16.93 3.94
N LEU D 237 11.05 18.08 3.27
CA LEU D 237 9.90 18.98 3.49
C LEU D 237 8.64 18.34 2.89
N ALA D 238 8.70 17.81 1.66
CA ALA D 238 7.63 17.03 1.02
C ALA D 238 7.20 15.90 1.97
N HIS D 239 8.18 15.18 2.53
CA HIS D 239 7.93 14.08 3.49
C HIS D 239 7.16 14.62 4.70
N LYS D 240 7.59 15.76 5.23
CA LYS D 240 6.97 16.40 6.43
C LYS D 240 5.52 16.78 6.10
N ASP D 241 5.26 17.39 4.94
CA ASP D 241 3.91 17.87 4.54
C ASP D 241 2.97 16.66 4.47
N LEU D 242 3.44 15.54 3.90
CA LEU D 242 2.68 14.27 3.83
C LEU D 242 2.30 13.82 5.25
N GLY D 243 3.22 13.90 6.20
CA GLY D 243 2.98 13.62 7.62
C GLY D 243 1.83 14.44 8.18
N ILE D 244 1.84 15.76 7.91
CA ILE D 244 0.76 16.65 8.40
C ILE D 244 -0.56 16.17 7.79
N ALA D 245 -0.57 15.89 6.48
CA ALA D 245 -1.79 15.51 5.74
C ALA D 245 -2.37 14.23 6.36
N LEU D 246 -1.51 13.28 6.68
CA LEU D 246 -1.96 11.96 7.20
C LEU D 246 -2.44 12.10 8.64
N ASP D 247 -1.78 12.95 9.44
CA ASP D 247 -2.23 13.23 10.82
C ASP D 247 -3.65 13.82 10.79
N VAL D 248 -3.87 14.81 9.91
CA VAL D 248 -5.18 15.53 9.80
C VAL D 248 -6.26 14.54 9.34
N ALA D 249 -6.02 13.87 8.21
CA ALA D 249 -6.92 12.83 7.66
C ALA D 249 -7.24 11.81 8.77
N ASN D 250 -6.24 11.39 9.55
CA ASN D 250 -6.45 10.36 10.60
C ASN D 250 -7.28 10.95 11.74
N GLN D 251 -7.14 12.24 12.06
CA GLN D 251 -7.98 12.87 13.12
C GLN D 251 -9.43 13.01 12.60
N LEU D 252 -9.62 13.24 11.28
CA LEU D 252 -10.95 13.44 10.64
C LEU D 252 -11.54 12.13 10.11
N HIS D 253 -10.81 11.01 10.26
CA HIS D 253 -11.21 9.68 9.75
C HIS D 253 -11.51 9.77 8.23
N VAL D 254 -10.64 10.42 7.45
CA VAL D 254 -10.64 10.32 5.97
C VAL D 254 -9.54 9.33 5.59
N PRO D 255 -9.89 8.08 5.20
CA PRO D 255 -8.87 7.08 4.85
C PRO D 255 -8.14 7.52 3.60
N MET D 256 -6.81 7.49 3.64
CA MET D 256 -5.97 7.93 2.50
C MET D 256 -4.90 6.88 2.23
N PRO D 257 -5.29 5.70 1.75
CA PRO D 257 -4.34 4.62 1.48
C PRO D 257 -3.22 5.05 0.52
N LEU D 258 -3.51 5.86 -0.52
CA LEU D 258 -2.46 6.27 -1.48
C LEU D 258 -1.49 7.24 -0.79
N GLY D 259 -2.00 8.21 -0.03
CA GLY D 259 -1.17 9.11 0.77
C GLY D 259 -0.23 8.33 1.68
N ALA D 260 -0.78 7.38 2.43
CA ALA D 260 -0.07 6.55 3.41
C ALA D 260 1.08 5.80 2.71
N ALA D 261 0.79 5.17 1.58
CA ALA D 261 1.80 4.45 0.79
C ALA D 261 2.86 5.45 0.29
N SER D 262 2.42 6.63 -0.16
CA SER D 262 3.33 7.63 -0.78
C SER D 262 4.31 8.13 0.27
N ARG D 263 3.88 8.24 1.53
CA ARG D 263 4.81 8.76 2.56
C ARG D 263 5.93 7.74 2.77
N GLU D 264 5.62 6.45 2.68
CA GLU D 264 6.63 5.38 2.89
C GLU D 264 7.61 5.35 1.74
N VAL D 265 7.20 5.80 0.55
CA VAL D 265 8.09 5.95 -0.64
C VAL D 265 9.06 7.11 -0.36
N TYR D 266 8.55 8.25 0.10
CA TYR D 266 9.38 9.41 0.48
C TYR D 266 10.33 9.00 1.59
N SER D 267 9.85 8.21 2.55
CA SER D 267 10.66 7.71 3.69
C SER D 267 11.83 6.88 3.13
N GLN D 268 11.55 6.05 2.13
CA GLN D 268 12.61 5.24 1.48
C GLN D 268 13.63 6.15 0.80
N ALA D 269 13.18 7.25 0.21
CA ALA D 269 14.06 8.23 -0.46
C ALA D 269 14.96 8.87 0.60
N ARG D 270 14.43 9.13 1.78
CA ARG D 270 15.22 9.73 2.89
C ARG D 270 16.27 8.72 3.36
N ALA D 271 15.89 7.47 3.57
CA ALA D 271 16.80 6.37 3.97
C ALA D 271 17.97 6.26 2.99
N ALA D 272 17.73 6.51 1.70
CA ALA D 272 18.72 6.37 0.61
C ALA D 272 19.58 7.64 0.46
N GLY D 273 19.36 8.66 1.29
CA GLY D 273 20.17 9.90 1.35
C GLY D 273 19.68 11.00 0.43
N ARG D 274 18.39 11.01 0.07
CA ARG D 274 17.85 11.96 -0.94
C ARG D 274 17.09 13.08 -0.26
N GLY D 275 17.16 13.21 1.07
CA GLY D 275 16.37 14.16 1.87
C GLY D 275 16.50 15.60 1.40
N ARG D 276 17.68 16.01 0.94
CA ARG D 276 17.98 17.41 0.55
C ARG D 276 17.90 17.54 -0.98
N GLN D 277 17.63 16.45 -1.70
CA GLN D 277 17.37 16.49 -3.16
C GLN D 277 15.99 17.08 -3.45
N ASP D 278 15.80 17.52 -4.69
CA ASP D 278 14.50 18.01 -5.22
C ASP D 278 13.49 16.86 -5.17
N TRP D 279 12.21 17.17 -4.93
CA TRP D 279 11.13 16.15 -4.92
C TRP D 279 11.08 15.37 -6.24
N SER D 280 11.48 15.95 -7.38
CA SER D 280 11.54 15.21 -8.67
C SER D 280 12.46 13.96 -8.55
N ALA D 281 13.34 13.92 -7.54
CA ALA D 281 14.27 12.78 -7.33
C ALA D 281 13.51 11.50 -6.94
N ILE D 282 12.25 11.62 -6.54
CA ILE D 282 11.40 10.43 -6.29
C ILE D 282 11.40 9.54 -7.53
N LEU D 283 11.42 10.12 -8.74
CA LEU D 283 11.50 9.30 -10.00
C LEU D 283 12.75 8.41 -9.93
N GLU D 284 13.90 8.98 -9.55
CA GLU D 284 15.18 8.25 -9.50
C GLU D 284 15.09 7.14 -8.45
N GLN D 285 14.47 7.43 -7.30
CA GLN D 285 14.24 6.45 -6.22
C GLN D 285 13.42 5.27 -6.74
N VAL D 286 12.35 5.52 -7.50
CA VAL D 286 11.49 4.42 -8.02
C VAL D 286 12.28 3.63 -9.07
N ARG D 287 13.15 4.28 -9.85
CA ARG D 287 14.02 3.58 -10.85
C ARG D 287 14.97 2.63 -10.10
N VAL D 288 15.65 3.10 -9.04
CA VAL D 288 16.57 2.26 -8.22
C VAL D 288 15.75 1.11 -7.61
N SER D 289 14.60 1.42 -7.02
CA SER D 289 13.66 0.42 -6.42
C SER D 289 13.32 -0.68 -7.42
N ALA D 290 13.25 -0.35 -8.71
CA ALA D 290 12.92 -1.33 -9.79
C ALA D 290 14.21 -2.02 -10.31
N GLY D 291 15.35 -1.79 -9.66
CA GLY D 291 16.63 -2.44 -9.99
C GLY D 291 17.24 -1.91 -11.28
N MET D 292 16.91 -0.66 -11.64
CA MET D 292 17.51 0.03 -12.81
C MET D 292 18.74 0.81 -12.34
N THR D 293 19.65 1.09 -13.27
CA THR D 293 20.92 1.83 -13.04
C THR D 293 20.53 3.29 -12.77
N ALA D 294 21.07 3.92 -11.73
CA ALA D 294 20.82 5.34 -11.41
C ALA D 294 21.36 6.21 -12.55
N LYS D 295 20.62 7.22 -12.99
CA LYS D 295 20.98 8.13 -14.11
C LYS D 295 21.80 9.29 -13.54
N VAL D 296 21.33 9.91 -12.44
CA VAL D 296 21.94 11.11 -11.79
C VAL D 296 22.64 10.72 -10.49
#